data_8JA0
#
_entry.id   8JA0
#
_cell.length_a   1.00
_cell.length_b   1.00
_cell.length_c   1.00
_cell.angle_alpha   90.00
_cell.angle_beta   90.00
_cell.angle_gamma   90.00
#
_symmetry.space_group_name_H-M   'P 1'
#
loop_
_entity.id
_entity.type
_entity.pdbx_description
1 polymer 'CRISPR-associated endonuclease Cas9'
2 polymer 'Uncharacterized protein'
3 polymer 'RNA (117-MER)'
#
loop_
_entity_poly.entity_id
_entity_poly.type
_entity_poly.pdbx_seq_one_letter_code
_entity_poly.pdbx_strand_id
1 'polypeptide(L)'
;MAAFKPNSINYILGLDIGIASVGWAMVEIDEEENPIRLIDLGVRVFERAEVPKTGDSLAMARRLARSVRRLTRRRAHRLL
RTRRLLKREGVLQAANFDENGLIKSLPNTPWQLRAAALDRKLTPLEWSAVLLHLIKHRGYLSQRKNEGETADKELGALLK
GVAGNAHALQTGDFRTPAELALNKFEKESGHIRNQRSDYSHTFSRKDLQAELILLFEKQKEFGNPHVSGGLKEGIETLLM
TQRPALSGDAVQKMLGHCTFEPAEPKAAKNTYTAERFIWLTKLNNLRILEQGSERPLTDTERATLMDEPYRKSKLTYAQA
RKLLGLEDTAFFKGLRYGKDNAEASTLMEMKAYHAISRALEKEGLKDKKSPLNLSPELQDEIGTAFSLFKTDEDITGRLK
DRIQPEILEALLKHISFDKFVQISLKALRRIVPLMEQGKRYDEACAEIYGDHYGKKNTEEKIYLPPIPADEIRNPVVLRA
LSQARKVINGVVRRYGSPARIHIETAREVGKSFKDRKEIEKRQEENRKDREKAAAKFREYFPNFVGEPKSKDILKLRLYE
QQHGKCLYSGKEINLGRLNEKGYVEIDHALPFSRTWDDSFNNKVLVLGSENQNKGNQTPYEYFNGKDNSREWQEFKARVE
TSRFPRSKKQRILLQKFDEDGFKERNLNDTRYVNRFLCQFVADRMRLTGKGKKRVFASNGQITNLLRGFWGLRKVRAEND
RHHALDAVVVACSTVAMQQKITRFVRYKEMNAFDGKTIDKETGEVLHQKTHFPQPWEFFAQEVMIRVFGKPDGKPEFEEA
DTLEKLRTLLAEKLSSRPEAVHEYVTPLFVSRAPNRKMSGQGHMETVKSAKRLDEGVSVLRVPLTQLKLKDLEKMVNRER
EPKLYEALKARLEAHKDDPAKAFAEPFYKYDKAGNRTQQVKAVRVEQVQKTGVWVRNHNGIADNATMVRVDVFEKGDKYY
LVPIYSWQVAKGILPDRAVVQGKDEEDWQLIDDSFNFKFSLHPNDLVEVITKKARMFGYFASCHRGTGNINIRIHDLDHK
IGKNGILEGIGVKTALSFQKYQIDELGKEIRPCRLKKRPPVR
;
A
2 'polypeptide(L)'
;MKITSSNFATIATSENFAKLSVLPKNHREPIKGLFKSAVEQFSSARDFFKNENYSKELAEKFNKEAVNEAVEKLQKAIDL
AEKQGIQF
;
D
3 'polyribonucleotide'
;UAACUUUACGUUGUAGCUCCCUUUCUCGAAAGAGAACCGUUGCUACAAUAAGGCCGUCUGAAAAGAUGUGCCGCAACGCU
CUGCCCCUUAAAGCUCCUGCUUUAAGGGGCAUCGUUU
;
B
#
# COMPACT_ATOMS: atom_id res chain seq x y z
N SER A 8 -0.17 7.87 -39.73
CA SER A 8 0.67 7.60 -40.88
C SER A 8 0.98 6.11 -40.99
N ILE A 9 1.10 5.44 -39.86
CA ILE A 9 1.41 4.02 -39.79
C ILE A 9 0.28 3.31 -39.06
N ASN A 10 -0.23 2.25 -39.67
CA ASN A 10 -1.25 1.41 -39.05
C ASN A 10 -0.56 0.28 -38.31
N TYR A 11 -0.87 0.14 -37.02
CA TYR A 11 -0.22 -0.87 -36.21
C TYR A 11 -1.09 -1.22 -35.01
N ILE A 12 -0.83 -2.40 -34.46
CA ILE A 12 -1.45 -2.86 -33.22
C ILE A 12 -0.37 -2.87 -32.14
N LEU A 13 -0.69 -2.29 -30.99
CA LEU A 13 0.24 -2.17 -29.89
C LEU A 13 -0.10 -3.20 -28.82
N GLY A 14 0.88 -4.05 -28.49
CA GLY A 14 0.70 -5.09 -27.50
C GLY A 14 1.49 -4.75 -26.24
N LEU A 15 0.82 -4.90 -25.10
CA LEU A 15 1.39 -4.61 -23.80
C LEU A 15 1.36 -5.84 -22.92
N ASP A 16 2.45 -6.07 -22.19
CA ASP A 16 2.56 -7.10 -21.17
C ASP A 16 2.88 -6.38 -19.87
N ILE A 17 1.92 -6.39 -18.94
CA ILE A 17 1.99 -5.59 -17.72
C ILE A 17 2.26 -6.51 -16.54
N GLY A 18 3.35 -6.26 -15.82
CA GLY A 18 3.64 -6.94 -14.59
C GLY A 18 3.68 -5.99 -13.41
N ILE A 19 4.02 -6.54 -12.25
CA ILE A 19 4.13 -5.73 -11.04
C ILE A 19 5.48 -5.03 -10.92
N ALA A 20 6.44 -5.34 -11.79
CA ALA A 20 7.74 -4.69 -11.73
C ALA A 20 8.28 -4.33 -13.11
N SER A 21 7.53 -4.55 -14.18
CA SER A 21 8.00 -4.23 -15.52
C SER A 21 6.81 -4.14 -16.46
N VAL A 22 7.04 -3.48 -17.61
CA VAL A 22 6.04 -3.32 -18.64
C VAL A 22 6.75 -3.50 -19.98
N GLY A 23 6.36 -4.53 -20.72
CA GLY A 23 6.89 -4.76 -22.07
C GLY A 23 5.90 -4.28 -23.11
N TRP A 24 6.42 -3.70 -24.19
CA TRP A 24 5.57 -3.18 -25.24
C TRP A 24 6.13 -3.59 -26.60
N ALA A 25 5.23 -3.77 -27.56
CA ALA A 25 5.62 -4.10 -28.92
C ALA A 25 4.60 -3.50 -29.88
N MET A 26 5.04 -3.28 -31.12
CA MET A 26 4.18 -2.74 -32.17
C MET A 26 4.28 -3.65 -33.38
N VAL A 27 3.13 -4.08 -33.91
CA VAL A 27 3.09 -4.96 -35.08
C VAL A 27 2.29 -4.26 -36.17
N GLU A 28 2.90 -4.07 -37.33
CA GLU A 28 2.21 -3.47 -38.46
C GLU A 28 1.22 -4.45 -39.06
N ILE A 29 0.07 -3.94 -39.48
CA ILE A 29 -1.01 -4.77 -40.00
C ILE A 29 -1.45 -4.23 -41.36
N ASP A 30 -2.07 -5.10 -42.14
CA ASP A 30 -2.68 -4.73 -43.40
C ASP A 30 -4.13 -4.30 -43.14
N GLU A 31 -4.91 -4.16 -44.21
CA GLU A 31 -6.31 -3.78 -44.07
C GLU A 31 -7.18 -4.89 -43.48
N GLU A 32 -6.65 -6.11 -43.35
CA GLU A 32 -7.41 -7.24 -42.83
C GLU A 32 -6.92 -7.68 -41.45
N GLU A 33 -6.17 -6.83 -40.76
CA GLU A 33 -5.65 -7.12 -39.42
C GLU A 33 -4.80 -8.38 -39.42
N ASN A 34 -3.74 -8.36 -40.25
CA ASN A 34 -2.80 -9.46 -40.33
C ASN A 34 -1.39 -8.91 -40.17
N PRO A 35 -0.60 -9.46 -39.25
CA PRO A 35 0.77 -8.96 -39.08
C PRO A 35 1.60 -9.14 -40.33
N ILE A 36 2.39 -8.12 -40.66
CA ILE A 36 3.24 -8.16 -41.85
C ILE A 36 4.66 -7.72 -41.50
N ARG A 37 4.83 -7.12 -40.32
CA ARG A 37 6.12 -6.56 -39.95
C ARG A 37 6.18 -6.44 -38.43
N LEU A 38 7.41 -6.29 -37.93
CA LEU A 38 7.67 -6.04 -36.51
C LEU A 38 8.44 -4.72 -36.44
N ILE A 39 7.74 -3.65 -36.09
CA ILE A 39 8.33 -2.31 -36.17
C ILE A 39 9.25 -2.04 -35.00
N ASP A 40 8.71 -2.09 -33.77
CA ASP A 40 9.50 -1.71 -32.61
C ASP A 40 9.03 -2.52 -31.40
N LEU A 41 9.90 -2.59 -30.40
CA LEU A 41 9.60 -3.28 -29.15
C LEU A 41 10.54 -2.76 -28.07
N GLY A 42 10.14 -2.96 -26.83
CA GLY A 42 10.96 -2.47 -25.71
C GLY A 42 10.41 -2.92 -24.38
N VAL A 43 11.19 -2.64 -23.34
CA VAL A 43 10.85 -3.01 -21.96
C VAL A 43 11.17 -1.83 -21.06
N ARG A 44 10.29 -1.57 -20.09
CA ARG A 44 10.50 -0.55 -19.08
C ARG A 44 10.41 -1.19 -17.71
N VAL A 45 11.37 -0.87 -16.84
CA VAL A 45 11.47 -1.51 -15.52
C VAL A 45 11.45 -0.45 -14.44
N PHE A 46 10.80 -0.78 -13.33
CA PHE A 46 10.69 0.10 -12.18
C PHE A 46 10.75 -0.75 -10.92
N GLU A 47 10.43 -0.15 -9.78
CA GLU A 47 10.35 -0.85 -8.51
C GLU A 47 8.89 -0.90 -8.05
N ARG A 48 8.46 -2.06 -7.60
CA ARG A 48 7.08 -2.23 -7.17
C ARG A 48 6.76 -1.33 -5.98
N ALA A 49 5.54 -0.81 -5.96
CA ALA A 49 5.11 0.15 -4.94
C ALA A 49 4.75 -0.57 -3.64
N GLU A 50 5.78 -1.16 -3.04
CA GLU A 50 5.66 -1.83 -1.75
C GLU A 50 7.06 -2.12 -1.23
N VAL A 51 7.14 -2.51 0.03
CA VAL A 51 8.41 -2.92 0.62
C VAL A 51 8.68 -4.35 0.18
N PRO A 52 9.76 -4.60 -0.56
CA PRO A 52 10.02 -5.97 -1.04
C PRO A 52 10.24 -6.98 0.07
N LYS A 53 10.81 -6.55 1.19
CA LYS A 53 11.16 -7.50 2.26
C LYS A 53 9.93 -8.09 2.91
N THR A 54 8.97 -7.24 3.29
CA THR A 54 7.79 -7.69 4.03
C THR A 54 6.50 -7.50 3.23
N GLY A 55 6.25 -6.30 2.72
CA GLY A 55 5.04 -6.05 1.96
C GLY A 55 4.27 -4.85 2.45
N ASP A 56 4.87 -4.07 3.35
CA ASP A 56 4.23 -2.87 3.85
C ASP A 56 4.17 -1.81 2.75
N SER A 57 3.22 -0.88 2.90
CA SER A 57 3.07 0.19 1.93
C SER A 57 4.24 1.16 2.01
N LEU A 58 4.44 1.92 0.94
CA LEU A 58 5.55 2.85 0.86
C LEU A 58 5.41 4.03 1.82
N ALA A 59 4.24 4.24 2.41
CA ALA A 59 4.02 5.41 3.26
C ALA A 59 3.62 5.01 4.68
N MET A 60 4.34 4.05 5.26
CA MET A 60 4.08 3.60 6.63
C MET A 60 5.03 4.22 7.64
N ALA A 61 6.34 4.22 7.33
CA ALA A 61 7.32 4.82 8.23
C ALA A 61 7.06 6.32 8.38
N ARG A 62 6.72 6.99 7.29
CA ARG A 62 6.40 8.41 7.35
C ARG A 62 5.21 8.67 8.27
N ARG A 63 4.16 7.85 8.15
CA ARG A 63 2.99 8.01 8.99
C ARG A 63 3.33 7.78 10.46
N LEU A 64 4.11 6.74 10.76
CA LEU A 64 4.49 6.46 12.14
C LEU A 64 5.33 7.59 12.72
N ALA A 65 6.29 8.10 11.93
CA ALA A 65 7.11 9.20 12.40
C ALA A 65 6.29 10.46 12.66
N ARG A 66 5.34 10.75 11.77
CA ARG A 66 4.49 11.91 11.97
C ARG A 66 3.65 11.77 13.23
N SER A 67 3.09 10.58 13.46
CA SER A 67 2.30 10.35 14.67
C SER A 67 3.15 10.52 15.92
N VAL A 68 4.37 9.98 15.90
CA VAL A 68 5.26 10.10 17.07
C VAL A 68 5.63 11.56 17.32
N ARG A 69 5.92 12.29 16.25
CA ARG A 69 6.26 13.71 16.39
C ARG A 69 5.11 14.48 17.01
N ARG A 70 3.90 14.27 16.51
CA ARG A 70 2.74 14.97 17.06
C ARG A 70 2.51 14.58 18.52
N LEU A 71 2.67 13.30 18.84
CA LEU A 71 2.50 12.84 20.22
C LEU A 71 3.46 13.55 21.16
N THR A 72 4.75 13.56 20.82
CA THR A 72 5.74 14.16 21.70
C THR A 72 5.57 15.68 21.79
N ARG A 73 5.17 16.31 20.68
CA ARG A 73 4.92 17.75 20.72
C ARG A 73 3.76 18.07 21.66
N ARG A 74 2.68 17.28 21.57
CA ARG A 74 1.53 17.53 22.44
C ARG A 74 1.89 17.30 23.91
N ARG A 75 2.65 16.24 24.20
CA ARG A 75 3.04 15.99 25.59
C ARG A 75 3.91 17.12 26.14
N ALA A 76 4.88 17.59 25.35
CA ALA A 76 5.72 18.68 25.80
C ALA A 76 4.92 19.95 26.03
N HIS A 77 4.00 20.26 25.11
CA HIS A 77 3.18 21.45 25.27
C HIS A 77 2.28 21.34 26.50
N ARG A 78 1.74 20.14 26.77
CA ARG A 78 0.92 19.95 27.96
C ARG A 78 1.73 20.18 29.22
N LEU A 79 2.96 19.65 29.29
CA LEU A 79 3.79 19.88 30.46
C LEU A 79 4.13 21.36 30.63
N LEU A 80 4.41 22.05 29.52
CA LEU A 80 4.71 23.48 29.60
C LEU A 80 3.50 24.27 30.10
N ARG A 81 2.30 23.93 29.62
CA ARG A 81 1.10 24.59 30.10
C ARG A 81 0.85 24.29 31.57
N THR A 82 1.15 23.07 32.01
CA THR A 82 1.03 22.75 33.43
C THR A 82 1.95 23.64 34.26
N ARG A 83 3.18 23.84 33.79
CA ARG A 83 4.11 24.72 34.48
C ARG A 83 3.59 26.15 34.54
N ARG A 84 3.06 26.65 33.41
CA ARG A 84 2.52 28.01 33.39
C ARG A 84 1.35 28.15 34.34
N LEU A 85 0.44 27.17 34.36
CA LEU A 85 -0.70 27.23 35.26
C LEU A 85 -0.27 27.18 36.71
N LEU A 86 0.70 26.32 37.04
CA LEU A 86 1.16 26.22 38.41
C LEU A 86 1.93 27.45 38.87
N LYS A 87 2.49 28.21 37.93
CA LYS A 87 3.16 29.45 38.32
C LYS A 87 2.20 30.63 38.43
N ARG A 88 1.29 30.76 37.47
CA ARG A 88 0.46 31.97 37.39
C ARG A 88 -0.81 31.85 38.21
N GLU A 89 -1.28 30.64 38.51
CA GLU A 89 -2.52 30.43 39.24
C GLU A 89 -2.30 29.78 40.60
N GLY A 90 -1.27 30.21 41.33
CA GLY A 90 -1.07 29.69 42.66
C GLY A 90 0.28 30.09 43.21
N VAL A 91 0.64 29.44 44.32
CA VAL A 91 1.90 29.70 45.00
C VAL A 91 3.00 28.91 44.29
N LEU A 92 3.91 29.62 43.64
CA LEU A 92 5.03 28.97 42.95
C LEU A 92 6.38 29.61 43.23
N GLN A 93 6.43 30.87 43.67
CA GLN A 93 7.69 31.55 43.96
C GLN A 93 8.60 31.56 42.73
N ALA A 94 8.14 32.32 41.73
CA ALA A 94 8.69 32.26 40.37
C ALA A 94 10.18 32.58 40.31
N ALA A 95 10.78 32.91 41.45
CA ALA A 95 12.23 32.91 41.53
C ALA A 95 12.81 31.50 41.49
N ASN A 96 11.97 30.48 41.62
CA ASN A 96 12.40 29.09 41.50
C ASN A 96 12.55 28.64 40.06
N PHE A 97 12.03 29.41 39.10
CA PHE A 97 12.17 29.11 37.68
C PHE A 97 13.29 29.96 37.11
N ASP A 98 14.28 29.32 36.49
CA ASP A 98 15.49 30.00 36.06
C ASP A 98 15.73 29.75 34.57
N GLU A 99 16.03 30.83 33.85
CA GLU A 99 16.47 30.79 32.46
C GLU A 99 15.45 30.02 31.62
N ASN A 100 15.91 29.39 30.54
CA ASN A 100 15.09 28.45 29.76
C ASN A 100 15.16 27.06 30.41
N GLY A 101 14.82 27.03 31.70
CA GLY A 101 14.92 25.82 32.49
C GLY A 101 13.65 25.53 33.26
N LEU A 102 13.77 24.75 34.33
CA LEU A 102 12.61 24.30 35.08
C LEU A 102 12.77 24.59 36.57
N ILE A 103 11.88 24.02 37.38
CA ILE A 103 11.94 24.15 38.83
C ILE A 103 13.25 23.56 39.32
N LYS A 104 14.13 24.40 39.86
CA LYS A 104 15.41 23.93 40.34
C LYS A 104 15.27 23.08 41.59
N SER A 105 16.18 22.13 41.75
CA SER A 105 16.20 21.23 42.91
C SER A 105 14.89 20.47 43.06
N LEU A 106 14.32 20.06 41.93
CA LEU A 106 13.09 19.27 41.97
C LEU A 106 13.38 17.90 42.57
N PRO A 107 12.53 17.42 43.50
CA PRO A 107 12.76 16.09 44.08
C PRO A 107 12.73 15.01 43.01
N ASN A 108 13.56 13.99 43.23
CA ASN A 108 13.72 12.91 42.26
C ASN A 108 12.83 11.70 42.55
N THR A 109 11.95 11.80 43.54
CA THR A 109 11.06 10.69 43.91
C THR A 109 9.62 11.15 44.00
N PRO A 110 8.98 11.48 42.87
CA PRO A 110 7.52 11.73 42.91
C PRO A 110 6.73 10.51 43.36
N TRP A 111 7.17 9.30 43.01
CA TRP A 111 6.39 8.11 43.30
C TRP A 111 6.24 7.91 44.81
N GLN A 112 7.33 8.08 45.57
CA GLN A 112 7.23 7.98 47.01
C GLN A 112 6.46 9.16 47.61
N LEU A 113 6.51 10.32 46.96
CA LEU A 113 5.80 11.48 47.47
C LEU A 113 4.30 11.37 47.23
N ARG A 114 3.90 10.89 46.04
CA ARG A 114 2.49 10.75 45.73
C ARG A 114 1.79 9.73 46.62
N ALA A 115 2.53 8.78 47.18
CA ALA A 115 1.97 7.81 48.10
C ALA A 115 2.12 8.21 49.56
N ALA A 116 2.72 9.39 49.83
CA ALA A 116 2.92 9.86 51.19
C ALA A 116 2.34 11.26 51.38
N ALA A 117 1.39 11.66 50.55
CA ALA A 117 0.75 12.97 50.66
C ALA A 117 -0.48 12.95 51.55
N LEU A 118 -0.90 11.79 52.02
CA LEU A 118 -2.09 11.67 52.86
C LEU A 118 -1.76 11.47 54.33
N ASP A 119 -0.48 11.52 54.71
CA ASP A 119 -0.08 11.40 56.11
C ASP A 119 0.89 12.49 56.54
N ARG A 120 1.16 13.48 55.68
CA ARG A 120 2.14 14.51 55.97
C ARG A 120 1.99 15.62 54.94
N LYS A 121 2.18 16.86 55.38
CA LYS A 121 2.10 17.99 54.46
C LYS A 121 3.23 17.91 53.42
N LEU A 122 2.94 18.45 52.24
CA LEU A 122 3.92 18.51 51.16
C LEU A 122 4.42 19.94 51.00
N THR A 123 5.73 20.08 50.85
CA THR A 123 6.34 21.38 50.64
C THR A 123 5.88 21.95 49.29
N PRO A 124 5.82 23.28 49.16
CA PRO A 124 5.57 23.85 47.83
C PRO A 124 6.55 23.38 46.77
N LEU A 125 7.78 23.05 47.17
CA LEU A 125 8.72 22.39 46.27
C LEU A 125 8.38 20.93 46.03
N GLU A 126 7.56 20.32 46.89
CA GLU A 126 7.17 18.93 46.77
C GLU A 126 5.76 18.75 46.21
N TRP A 127 5.08 19.84 45.89
CA TRP A 127 3.76 19.80 45.28
C TRP A 127 3.85 19.88 43.76
N SER A 128 4.72 20.77 43.26
CA SER A 128 4.93 20.87 41.82
C SER A 128 5.45 19.57 41.24
N ALA A 129 6.30 18.88 42.00
CA ALA A 129 6.84 17.60 41.53
C ALA A 129 5.72 16.59 41.30
N VAL A 130 4.84 16.41 42.27
CA VAL A 130 3.78 15.42 42.14
C VAL A 130 2.78 15.84 41.07
N LEU A 131 2.49 17.14 40.96
CA LEU A 131 1.57 17.59 39.91
C LEU A 131 2.15 17.34 38.52
N LEU A 132 3.43 17.68 38.33
CA LEU A 132 4.07 17.45 37.04
C LEU A 132 4.15 15.96 36.72
N HIS A 133 4.42 15.14 37.73
CA HIS A 133 4.46 13.69 37.51
C HIS A 133 3.10 13.16 37.11
N LEU A 134 2.04 13.64 37.76
CA LEU A 134 0.69 13.20 37.40
C LEU A 134 0.34 13.62 35.99
N ILE A 135 0.71 14.85 35.59
CA ILE A 135 0.39 15.32 34.25
C ILE A 135 1.18 14.55 33.19
N LYS A 136 2.46 14.27 33.47
CA LYS A 136 3.32 13.66 32.47
C LYS A 136 2.86 12.24 32.12
N HIS A 137 2.63 11.41 33.13
CA HIS A 137 2.18 10.04 32.95
C HIS A 137 0.72 9.96 33.38
N ARG A 138 -0.18 10.19 32.44
CA ARG A 138 -1.61 10.30 32.72
C ARG A 138 -2.39 9.05 32.31
N GLY A 139 -1.72 7.93 32.10
CA GLY A 139 -2.39 6.65 31.93
C GLY A 139 -3.24 6.54 30.66
N TYR A 140 -4.02 5.46 30.64
CA TYR A 140 -4.86 5.11 29.51
C TYR A 140 -6.29 5.55 29.74
N LEU A 141 -6.96 5.91 28.65
CA LEU A 141 -8.36 6.34 28.70
C LEU A 141 -9.30 5.15 28.60
N LEU A 155 -3.55 -5.19 21.42
CA LEU A 155 -4.39 -4.43 22.34
C LEU A 155 -4.95 -5.31 23.43
N GLY A 156 -4.44 -6.53 23.52
CA GLY A 156 -4.88 -7.47 24.53
C GLY A 156 -4.09 -7.39 25.82
N ALA A 157 -2.77 -7.31 25.69
CA ALA A 157 -1.91 -7.26 26.86
C ALA A 157 -2.17 -5.99 27.68
N LEU A 158 -2.34 -4.85 27.02
CA LEU A 158 -2.61 -3.61 27.72
C LEU A 158 -3.93 -3.67 28.48
N LEU A 159 -4.98 -4.15 27.81
CA LEU A 159 -6.28 -4.25 28.46
C LEU A 159 -6.24 -5.21 29.64
N LYS A 160 -5.55 -6.34 29.47
CA LYS A 160 -5.41 -7.31 30.57
C LYS A 160 -4.66 -6.69 31.73
N GLY A 161 -3.60 -5.93 31.46
CA GLY A 161 -2.85 -5.31 32.53
C GLY A 161 -3.66 -4.29 33.31
N VAL A 162 -4.39 -3.42 32.59
CA VAL A 162 -5.22 -2.44 33.29
C VAL A 162 -6.35 -3.12 34.05
N ALA A 163 -6.93 -4.20 33.50
CA ALA A 163 -7.97 -4.91 34.23
C ALA A 163 -7.43 -5.56 35.50
N GLY A 164 -6.24 -6.16 35.42
CA GLY A 164 -5.63 -6.74 36.61
C GLY A 164 -5.30 -5.69 37.66
N ASN A 165 -4.80 -4.53 37.22
CA ASN A 165 -4.52 -3.46 38.17
C ASN A 165 -5.80 -2.96 38.83
N ALA A 166 -6.87 -2.81 38.05
CA ALA A 166 -8.14 -2.36 38.62
C ALA A 166 -8.68 -3.38 39.63
N HIS A 167 -8.56 -4.66 39.31
CA HIS A 167 -8.98 -5.69 40.26
C HIS A 167 -8.13 -5.66 41.53
N ALA A 168 -6.82 -5.44 41.38
CA ALA A 168 -5.93 -5.40 42.54
C ALA A 168 -6.23 -4.20 43.43
N LEU A 169 -6.62 -3.07 42.83
CA LEU A 169 -6.89 -1.88 43.62
C LEU A 169 -8.05 -2.09 44.58
N GLN A 170 -9.11 -2.77 44.13
CA GLN A 170 -10.32 -2.94 44.91
C GLN A 170 -10.30 -4.21 45.76
N THR A 171 -9.11 -4.76 46.04
CA THR A 171 -8.98 -5.94 46.89
C THR A 171 -8.23 -5.65 48.17
N GLY A 172 -7.02 -5.07 48.08
CA GLY A 172 -6.24 -4.72 49.24
C GLY A 172 -6.24 -3.22 49.49
N ASP A 173 -5.44 -2.82 50.48
CA ASP A 173 -5.30 -1.41 50.80
C ASP A 173 -4.45 -0.71 49.75
N PHE A 174 -5.10 -0.27 48.67
CA PHE A 174 -4.42 0.37 47.54
C PHE A 174 -5.17 1.64 47.15
N ARG A 175 -5.46 2.48 48.14
CA ARG A 175 -6.25 3.69 47.93
C ARG A 175 -5.67 4.59 46.85
N THR A 176 -4.35 4.59 46.67
CA THR A 176 -3.76 5.38 45.60
C THR A 176 -2.93 4.50 44.67
N PRO A 177 -2.99 4.74 43.36
CA PRO A 177 -2.10 4.01 42.45
C PRO A 177 -0.63 4.17 42.77
N ALA A 178 -0.23 5.32 43.33
CA ALA A 178 1.14 5.49 43.77
C ALA A 178 1.49 4.51 44.89
N GLU A 179 0.54 4.28 45.81
CA GLU A 179 0.77 3.29 46.85
C GLU A 179 0.89 1.89 46.27
N LEU A 180 0.09 1.59 45.24
CA LEU A 180 0.24 0.31 44.54
C LEU A 180 1.61 0.18 43.92
N ALA A 181 2.10 1.26 43.29
CA ALA A 181 3.42 1.23 42.67
C ALA A 181 4.51 1.04 43.72
N LEU A 182 4.37 1.67 44.88
CA LEU A 182 5.41 1.62 45.89
C LEU A 182 5.41 0.29 46.64
N ASN A 183 4.24 -0.31 46.85
CA ASN A 183 4.14 -1.48 47.74
C ASN A 183 4.29 -2.80 46.99
N LYS A 184 3.39 -3.09 46.07
CA LYS A 184 3.40 -4.34 45.31
C LYS A 184 3.39 -3.99 43.83
N PHE A 185 4.58 -3.93 43.23
CA PHE A 185 4.79 -3.38 41.90
C PHE A 185 6.29 -3.25 41.65
N GLU A 186 7.01 -2.80 42.67
CA GLU A 186 8.45 -2.59 42.58
C GLU A 186 9.27 -3.56 43.43
N LYS A 187 8.75 -3.96 44.60
CA LYS A 187 9.50 -4.86 45.46
C LYS A 187 9.61 -6.27 44.89
N GLU A 188 8.82 -6.61 43.87
CA GLU A 188 8.89 -7.93 43.27
C GLU A 188 9.92 -7.97 42.14
N SER A 189 9.73 -7.15 41.11
CA SER A 189 10.57 -7.15 39.93
C SER A 189 11.65 -6.08 39.94
N GLY A 190 11.74 -5.28 41.00
CA GLY A 190 12.80 -4.30 41.12
C GLY A 190 12.66 -3.09 40.21
N HIS A 191 11.45 -2.77 39.76
CA HIS A 191 11.24 -1.61 38.91
C HIS A 191 9.81 -1.11 39.09
N ILE A 192 9.61 0.16 38.75
CA ILE A 192 8.30 0.78 38.82
C ILE A 192 7.70 0.97 37.43
N ARG A 193 8.48 1.47 36.48
CA ARG A 193 8.04 1.67 35.11
C ARG A 193 8.38 0.45 34.27
N ASN A 194 7.59 0.22 33.23
CA ASN A 194 7.74 -0.97 32.41
C ASN A 194 9.01 -0.89 31.58
N GLN A 195 9.64 -2.04 31.36
CA GLN A 195 10.81 -2.16 30.49
C GLN A 195 10.45 -2.97 29.25
N ARG A 196 11.25 -2.77 28.20
CA ARG A 196 11.11 -3.50 26.95
C ARG A 196 9.72 -3.36 26.36
N SER A 197 9.35 -4.27 25.46
CA SER A 197 8.04 -4.24 24.81
C SER A 197 7.05 -5.14 25.55
N ASP A 198 6.85 -4.83 26.82
CA ASP A 198 5.93 -5.55 27.68
C ASP A 198 4.76 -4.65 28.07
N TYR A 199 3.77 -5.25 28.72
CA TYR A 199 2.59 -4.49 29.12
C TYR A 199 2.05 -5.08 30.42
N SER A 200 2.57 -4.61 31.55
CA SER A 200 2.04 -5.02 32.84
C SER A 200 1.76 -3.80 33.72
N HIS A 201 2.63 -2.81 33.64
CA HIS A 201 2.60 -1.64 34.53
C HIS A 201 1.90 -0.45 33.86
N THR A 202 0.64 -0.65 33.52
CA THR A 202 -0.19 0.40 32.93
C THR A 202 -1.37 0.71 33.84
N PHE A 203 -1.78 1.97 33.83
CA PHE A 203 -2.86 2.46 34.69
C PHE A 203 -3.93 3.16 33.87
N SER A 204 -5.11 3.24 34.44
CA SER A 204 -6.26 3.88 33.81
C SER A 204 -6.39 5.33 34.28
N ARG A 205 -6.93 6.17 33.39
CA ARG A 205 -7.01 7.60 33.68
C ARG A 205 -8.09 7.93 34.71
N LYS A 206 -9.15 7.11 34.77
CA LYS A 206 -10.18 7.30 35.80
C LYS A 206 -9.62 7.07 37.19
N ASP A 207 -8.79 6.04 37.35
CA ASP A 207 -8.11 5.82 38.62
C ASP A 207 -7.22 7.00 38.98
N LEU A 208 -6.61 7.63 37.98
CA LEU A 208 -5.82 8.83 38.25
C LEU A 208 -6.68 10.01 38.65
N GLN A 209 -7.89 10.14 38.09
CA GLN A 209 -8.81 11.16 38.59
C GLN A 209 -9.15 10.90 40.05
N ALA A 210 -9.43 9.64 40.39
CA ALA A 210 -9.76 9.31 41.77
C ALA A 210 -8.61 9.64 42.71
N GLU A 211 -7.39 9.26 42.31
CA GLU A 211 -6.22 9.55 43.14
C GLU A 211 -5.99 11.05 43.26
N LEU A 212 -6.18 11.79 42.17
CA LEU A 212 -5.97 13.23 42.18
C LEU A 212 -6.96 13.93 43.10
N ILE A 213 -8.23 13.55 43.03
CA ILE A 213 -9.23 14.18 43.89
C ILE A 213 -9.00 13.81 45.35
N LEU A 214 -8.60 12.56 45.61
CA LEU A 214 -8.26 12.18 46.98
C LEU A 214 -7.05 12.96 47.48
N LEU A 215 -6.04 13.13 46.62
CA LEU A 215 -4.87 13.93 46.98
C LEU A 215 -5.28 15.33 47.39
N PHE A 216 -6.05 16.01 46.54
CA PHE A 216 -6.43 17.39 46.82
C PHE A 216 -7.26 17.48 48.10
N GLU A 217 -8.26 16.62 48.25
CA GLU A 217 -9.13 16.71 49.42
C GLU A 217 -8.34 16.42 50.71
N LYS A 218 -7.64 15.28 50.75
CA LYS A 218 -6.95 14.89 51.97
C LYS A 218 -5.69 15.69 52.23
N GLN A 219 -5.23 16.50 51.27
CA GLN A 219 -4.08 17.36 51.50
C GLN A 219 -4.48 18.78 51.85
N LYS A 220 -5.65 19.25 51.38
CA LYS A 220 -6.23 20.46 51.95
C LYS A 220 -6.74 20.21 53.36
N GLU A 221 -7.10 18.96 53.67
CA GLU A 221 -7.50 18.63 55.03
C GLU A 221 -6.38 18.92 56.02
N PHE A 222 -5.14 18.56 55.68
CA PHE A 222 -4.03 18.77 56.59
C PHE A 222 -3.63 20.24 56.70
N GLY A 223 -3.69 20.97 55.58
CA GLY A 223 -3.33 22.38 55.59
C GLY A 223 -2.94 22.89 54.22
N ASN A 224 -1.83 23.65 54.17
CA ASN A 224 -1.21 24.16 52.95
C ASN A 224 -2.05 25.29 52.37
N PRO A 225 -1.44 26.46 52.10
CA PRO A 225 -2.20 27.57 51.50
C PRO A 225 -2.66 27.32 50.08
N HIS A 226 -2.16 26.28 49.42
CA HIS A 226 -2.58 25.93 48.07
C HIS A 226 -3.91 25.20 48.09
N VAL A 227 -4.25 24.54 46.98
CA VAL A 227 -5.50 23.81 46.80
C VAL A 227 -6.66 24.80 46.70
N SER A 228 -6.53 25.76 45.80
CA SER A 228 -7.66 26.61 45.43
C SER A 228 -8.44 25.95 44.29
N GLY A 229 -9.61 26.53 43.99
CA GLY A 229 -10.43 25.98 42.91
C GLY A 229 -9.75 26.04 41.56
N GLY A 230 -8.93 27.07 41.34
CA GLY A 230 -8.21 27.17 40.07
C GLY A 230 -7.27 25.99 39.85
N LEU A 231 -6.58 25.56 40.91
CA LEU A 231 -5.69 24.40 40.79
C LEU A 231 -6.45 23.17 40.37
N LYS A 232 -7.56 22.87 41.05
CA LYS A 232 -8.35 21.69 40.72
C LYS A 232 -8.87 21.76 39.30
N GLU A 233 -9.41 22.92 38.91
CA GLU A 233 -9.95 23.05 37.56
C GLU A 233 -8.86 22.86 36.51
N GLY A 234 -7.71 23.48 36.71
CA GLY A 234 -6.64 23.36 35.73
C GLY A 234 -6.09 21.95 35.62
N ILE A 235 -5.86 21.29 36.75
CA ILE A 235 -5.31 19.94 36.69
C ILE A 235 -6.33 18.95 36.14
N GLU A 236 -7.62 19.15 36.43
CA GLU A 236 -8.62 18.27 35.84
C GLU A 236 -8.76 18.50 34.35
N THR A 237 -8.63 19.76 33.90
CA THR A 237 -8.66 20.03 32.46
C THR A 237 -7.47 19.40 31.76
N LEU A 238 -6.27 19.53 32.34
CA LEU A 238 -5.07 18.99 31.71
C LEU A 238 -5.06 17.47 31.74
N LEU A 239 -5.59 16.87 32.80
CA LEU A 239 -5.55 15.42 32.91
C LEU A 239 -6.53 14.74 31.95
N MET A 240 -7.69 15.36 31.72
CA MET A 240 -8.68 14.84 30.77
C MET A 240 -8.74 15.68 29.50
N THR A 241 -7.59 16.08 28.99
CA THR A 241 -7.50 16.77 27.71
C THR A 241 -6.99 15.78 26.66
N GLN A 242 -7.87 15.38 25.76
CA GLN A 242 -7.52 14.53 24.64
C GLN A 242 -8.10 15.14 23.37
N ARG A 243 -7.25 15.26 22.35
CA ARG A 243 -7.72 15.84 21.09
C ARG A 243 -8.77 14.94 20.47
N PRO A 244 -9.79 15.50 19.83
CA PRO A 244 -10.81 14.66 19.19
C PRO A 244 -10.30 14.08 17.89
N ALA A 245 -10.64 12.82 17.64
CA ALA A 245 -10.11 12.10 16.49
C ALA A 245 -10.55 12.75 15.18
N LEU A 246 -9.60 12.94 14.28
CA LEU A 246 -9.91 13.50 12.96
C LEU A 246 -10.45 12.42 12.05
N SER A 247 -11.28 12.84 11.09
CA SER A 247 -11.87 11.90 10.13
C SER A 247 -12.22 12.65 8.86
N GLY A 248 -11.86 12.08 7.72
CA GLY A 248 -12.17 12.69 6.44
C GLY A 248 -11.30 13.89 6.13
N ASP A 249 -11.71 14.61 5.09
CA ASP A 249 -11.00 15.81 4.64
C ASP A 249 -11.41 16.99 5.52
N ALA A 250 -11.01 18.19 5.11
CA ALA A 250 -11.36 19.41 5.82
C ALA A 250 -12.26 20.36 5.03
N VAL A 251 -12.24 20.29 3.70
CA VAL A 251 -13.16 21.10 2.90
C VAL A 251 -14.59 20.62 3.10
N GLN A 252 -14.78 19.31 3.24
CA GLN A 252 -16.11 18.73 3.43
C GLN A 252 -16.77 19.19 4.73
N LYS A 253 -16.00 19.66 5.70
CA LYS A 253 -16.52 20.08 6.99
C LYS A 253 -16.92 21.55 7.03
N MET A 254 -16.89 22.24 5.88
CA MET A 254 -17.16 23.67 5.83
C MET A 254 -18.50 23.93 5.14
N LEU A 255 -19.08 25.09 5.45
CA LEU A 255 -20.39 25.49 4.91
C LEU A 255 -20.17 26.21 3.59
N GLY A 256 -20.30 25.47 2.49
CA GLY A 256 -20.14 26.05 1.18
C GLY A 256 -21.44 26.58 0.61
N HIS A 257 -21.76 26.18 -0.63
CA HIS A 257 -23.00 26.60 -1.29
C HIS A 257 -23.50 25.44 -2.14
N CYS A 258 -24.53 25.70 -2.94
CA CYS A 258 -25.16 24.67 -3.76
C CYS A 258 -24.70 24.78 -5.20
N THR A 259 -24.44 23.63 -5.81
CA THR A 259 -24.08 23.60 -7.22
C THR A 259 -25.25 23.98 -8.12
N PHE A 260 -26.48 23.71 -7.67
CA PHE A 260 -27.67 23.98 -8.47
C PHE A 260 -28.39 25.26 -8.08
N GLU A 261 -28.39 25.62 -6.80
CA GLU A 261 -29.09 26.82 -6.30
C GLU A 261 -28.08 27.73 -5.64
N PRO A 262 -27.51 28.69 -6.38
CA PRO A 262 -26.50 29.57 -5.76
C PRO A 262 -27.12 30.65 -4.89
N ALA A 263 -28.06 30.26 -4.03
CA ALA A 263 -28.67 31.20 -3.10
C ALA A 263 -28.94 30.60 -1.71
N GLU A 264 -28.54 29.35 -1.46
CA GLU A 264 -28.81 28.69 -0.20
C GLU A 264 -27.58 27.90 0.22
N PRO A 265 -27.26 27.89 1.53
CA PRO A 265 -26.11 27.10 1.99
C PRO A 265 -26.29 25.60 1.80
N LYS A 266 -25.27 24.83 2.17
CA LYS A 266 -25.31 23.38 2.02
C LYS A 266 -26.18 22.77 3.11
N ALA A 267 -26.17 21.44 3.18
CA ALA A 267 -26.89 20.70 4.20
C ALA A 267 -25.93 19.77 4.94
N ALA A 268 -26.30 19.41 6.16
CA ALA A 268 -25.48 18.51 6.96
C ALA A 268 -25.74 17.05 6.58
N LYS A 269 -24.77 16.20 6.88
CA LYS A 269 -24.95 14.77 6.69
C LYS A 269 -25.60 14.24 7.97
N ASN A 270 -26.66 14.93 8.41
CA ASN A 270 -27.46 14.50 9.55
C ASN A 270 -28.94 14.67 9.35
N THR A 271 -29.39 15.43 8.34
CA THR A 271 -30.79 15.73 8.17
C THR A 271 -31.54 14.54 7.58
N TYR A 272 -32.87 14.60 7.67
CA TYR A 272 -33.71 13.55 7.12
C TYR A 272 -33.53 13.42 5.62
N THR A 273 -33.55 14.56 4.92
CA THR A 273 -33.55 14.55 3.46
C THR A 273 -32.19 14.13 2.90
N ALA A 274 -31.09 14.62 3.50
CA ALA A 274 -29.77 14.26 2.99
C ALA A 274 -29.49 12.77 3.15
N GLU A 275 -29.83 12.21 4.31
CA GLU A 275 -29.63 10.77 4.49
C GLU A 275 -30.62 9.97 3.65
N ARG A 276 -31.80 10.51 3.38
CA ARG A 276 -32.70 9.86 2.43
C ARG A 276 -32.06 9.80 1.04
N PHE A 277 -31.43 10.91 0.63
CA PHE A 277 -30.65 10.94 -0.61
C PHE A 277 -29.60 9.84 -0.61
N ILE A 278 -28.82 9.76 0.46
CA ILE A 278 -27.74 8.77 0.53
C ILE A 278 -28.31 7.36 0.44
N TRP A 279 -29.38 7.09 1.18
CA TRP A 279 -29.98 5.75 1.17
C TRP A 279 -30.49 5.38 -0.22
N LEU A 280 -31.21 6.30 -0.87
CA LEU A 280 -31.74 6.00 -2.20
C LEU A 280 -30.62 5.78 -3.20
N THR A 281 -29.56 6.60 -3.13
CA THR A 281 -28.43 6.43 -4.03
C THR A 281 -27.75 5.09 -3.83
N LYS A 282 -27.58 4.67 -2.58
CA LYS A 282 -26.94 3.39 -2.32
C LYS A 282 -27.84 2.22 -2.69
N LEU A 283 -29.15 2.37 -2.53
CA LEU A 283 -30.09 1.29 -2.80
C LEU A 283 -30.32 1.08 -4.29
N ASN A 284 -30.29 2.15 -5.08
CA ASN A 284 -30.61 2.04 -6.50
C ASN A 284 -29.63 1.13 -7.23
N ASN A 285 -28.33 1.24 -6.90
CA ASN A 285 -27.28 0.52 -7.61
C ASN A 285 -26.75 -0.67 -6.82
N LEU A 286 -27.61 -1.40 -6.12
CA LEU A 286 -27.14 -2.55 -5.35
C LEU A 286 -26.61 -3.65 -6.26
N ARG A 287 -27.32 -3.94 -7.35
CA ARG A 287 -26.88 -4.89 -8.38
C ARG A 287 -26.63 -6.28 -7.78
N ILE A 288 -27.71 -6.89 -7.33
CA ILE A 288 -27.66 -8.26 -6.83
C ILE A 288 -27.11 -9.17 -7.92
N LEU A 289 -26.04 -9.90 -7.60
CA LEU A 289 -25.33 -10.71 -8.59
C LEU A 289 -25.89 -12.14 -8.55
N GLU A 290 -26.59 -12.52 -9.60
CA GLU A 290 -27.17 -13.87 -9.71
C GLU A 290 -26.17 -14.76 -10.45
N GLN A 291 -25.40 -15.54 -9.70
CA GLN A 291 -24.45 -16.51 -10.24
C GLN A 291 -23.43 -15.88 -11.18
N GLY A 292 -23.23 -14.57 -11.09
CA GLY A 292 -22.32 -13.84 -11.96
C GLY A 292 -23.00 -12.92 -12.95
N SER A 293 -24.32 -12.88 -12.99
CA SER A 293 -25.07 -12.05 -13.92
C SER A 293 -25.46 -10.73 -13.24
N GLU A 294 -26.28 -9.94 -13.92
CA GLU A 294 -26.73 -8.64 -13.44
C GLU A 294 -28.22 -8.74 -13.15
N ARG A 295 -28.57 -8.74 -11.86
CA ARG A 295 -29.95 -8.89 -11.41
C ARG A 295 -30.29 -7.73 -10.48
N PRO A 296 -30.75 -6.61 -11.03
CA PRO A 296 -31.10 -5.47 -10.19
C PRO A 296 -32.44 -5.67 -9.50
N LEU A 297 -32.62 -4.93 -8.41
CA LEU A 297 -33.89 -4.97 -7.68
C LEU A 297 -34.99 -4.35 -8.52
N THR A 298 -36.14 -5.02 -8.55
CA THR A 298 -37.29 -4.52 -9.31
C THR A 298 -38.12 -3.60 -8.41
N ASP A 299 -39.31 -3.22 -8.86
CA ASP A 299 -40.15 -2.32 -8.10
C ASP A 299 -40.59 -2.95 -6.78
N THR A 300 -40.95 -4.24 -6.80
CA THR A 300 -41.48 -4.88 -5.60
C THR A 300 -40.39 -5.18 -4.58
N GLU A 301 -39.16 -5.43 -5.01
CA GLU A 301 -38.09 -5.68 -4.05
C GLU A 301 -37.62 -4.39 -3.38
N ARG A 302 -37.50 -3.31 -4.14
CA ARG A 302 -37.08 -2.04 -3.57
C ARG A 302 -38.18 -1.37 -2.75
N ALA A 303 -39.41 -1.87 -2.83
CA ALA A 303 -40.50 -1.33 -2.02
C ALA A 303 -40.50 -1.87 -0.60
N THR A 304 -39.68 -2.86 -0.29
CA THR A 304 -39.58 -3.44 1.04
C THR A 304 -38.25 -3.18 1.72
N LEU A 305 -37.14 -3.27 0.97
CA LEU A 305 -35.82 -2.95 1.53
C LEU A 305 -35.67 -1.47 1.84
N MET A 306 -36.54 -0.63 1.30
CA MET A 306 -36.41 0.81 1.48
C MET A 306 -36.60 1.20 2.94
N ASP A 307 -37.62 0.66 3.60
CA ASP A 307 -37.98 1.07 4.94
C ASP A 307 -37.23 0.32 6.04
N GLU A 308 -36.48 -0.75 5.70
CA GLU A 308 -35.78 -1.49 6.73
C GLU A 308 -34.74 -0.66 7.46
N PRO A 309 -33.84 0.10 6.79
CA PRO A 309 -32.99 1.05 7.53
C PRO A 309 -33.78 2.33 7.80
N TYR A 310 -34.12 2.53 9.08
CA TYR A 310 -35.07 3.50 9.64
C TYR A 310 -35.83 2.75 10.72
N ARG A 311 -35.79 1.43 10.64
CA ARG A 311 -36.42 0.51 11.59
C ARG A 311 -35.42 -0.25 12.43
N LYS A 312 -34.29 -0.67 11.83
CA LYS A 312 -33.23 -1.35 12.54
C LYS A 312 -31.89 -0.73 12.15
N SER A 313 -30.93 -0.81 13.06
CA SER A 313 -29.65 -0.14 12.87
C SER A 313 -28.71 -0.95 11.97
N LYS A 314 -28.36 -2.16 12.41
CA LYS A 314 -27.33 -2.95 11.73
C LYS A 314 -27.97 -3.74 10.59
N LEU A 315 -28.11 -3.07 9.44
CA LEU A 315 -28.55 -3.72 8.21
C LEU A 315 -27.30 -4.13 7.44
N THR A 316 -26.95 -5.40 7.53
CA THR A 316 -25.71 -5.92 6.98
C THR A 316 -25.95 -6.62 5.65
N TYR A 317 -24.92 -7.29 5.15
CA TYR A 317 -25.00 -7.96 3.85
C TYR A 317 -26.11 -9.01 3.86
N ALA A 318 -26.16 -9.83 4.91
CA ALA A 318 -27.14 -10.90 4.99
C ALA A 318 -28.48 -10.45 5.56
N GLN A 319 -28.53 -9.29 6.22
CA GLN A 319 -29.78 -8.83 6.81
C GLN A 319 -30.85 -8.61 5.75
N ALA A 320 -30.46 -8.00 4.63
CA ALA A 320 -31.39 -7.90 3.50
C ALA A 320 -31.67 -9.27 2.89
N ARG A 321 -30.69 -10.17 2.94
CA ARG A 321 -30.84 -11.49 2.33
C ARG A 321 -32.04 -12.23 2.91
N LYS A 322 -32.25 -12.12 4.22
CA LYS A 322 -33.41 -12.77 4.84
C LYS A 322 -34.71 -12.21 4.28
N LEU A 323 -34.75 -10.89 4.03
CA LEU A 323 -35.91 -10.32 3.35
C LEU A 323 -35.98 -10.81 1.91
N LEU A 324 -34.83 -11.02 1.26
CA LEU A 324 -34.82 -11.56 -0.09
C LEU A 324 -35.17 -13.04 -0.10
N GLY A 325 -34.63 -13.79 0.86
CA GLY A 325 -34.93 -15.22 0.95
C GLY A 325 -34.43 -16.05 -0.21
N LEU A 326 -33.24 -15.72 -0.74
CA LEU A 326 -32.68 -16.47 -1.86
C LEU A 326 -32.02 -17.75 -1.35
N GLU A 327 -31.51 -18.55 -2.29
CA GLU A 327 -30.99 -19.88 -2.01
C GLU A 327 -29.56 -20.02 -2.52
N ASP A 328 -28.72 -19.04 -2.18
CA ASP A 328 -27.30 -18.98 -2.52
C ASP A 328 -27.05 -18.81 -4.02
N THR A 329 -28.09 -18.53 -4.80
CA THR A 329 -27.95 -18.30 -6.23
C THR A 329 -27.89 -16.83 -6.59
N ALA A 330 -27.89 -15.94 -5.60
CA ALA A 330 -27.88 -14.49 -5.85
C ALA A 330 -26.94 -13.84 -4.84
N PHE A 331 -25.71 -13.55 -5.27
CA PHE A 331 -24.73 -12.88 -4.43
C PHE A 331 -24.97 -11.37 -4.51
N PHE A 332 -24.02 -10.59 -3.99
CA PHE A 332 -24.09 -9.14 -3.99
C PHE A 332 -22.84 -8.58 -4.65
N LYS A 333 -23.03 -7.56 -5.49
CA LYS A 333 -21.91 -6.95 -6.20
C LYS A 333 -20.99 -6.20 -5.24
N ASN A 341 -21.03 -14.28 7.63
CA ASN A 341 -19.74 -14.84 7.27
C ASN A 341 -18.73 -13.75 6.97
N ALA A 342 -17.80 -14.04 6.06
CA ALA A 342 -16.84 -13.02 5.64
C ALA A 342 -17.53 -11.84 4.97
N GLU A 343 -18.52 -12.12 4.12
CA GLU A 343 -19.31 -11.08 3.48
C GLU A 343 -20.39 -10.63 4.46
N ALA A 344 -19.99 -9.77 5.40
CA ALA A 344 -20.91 -9.25 6.41
C ALA A 344 -20.47 -7.82 6.73
N SER A 345 -21.10 -6.85 6.06
CA SER A 345 -20.83 -5.44 6.27
C SER A 345 -22.12 -4.67 6.14
N THR A 346 -22.25 -3.60 6.93
CA THR A 346 -23.44 -2.76 6.89
C THR A 346 -23.54 -2.02 5.57
N LEU A 347 -24.52 -2.39 4.74
CA LEU A 347 -24.70 -1.71 3.47
C LEU A 347 -25.20 -0.29 3.66
N MET A 348 -25.93 -0.02 4.74
CA MET A 348 -26.36 1.33 5.08
C MET A 348 -26.73 1.33 6.56
N GLU A 349 -26.42 2.43 7.24
CA GLU A 349 -26.67 2.54 8.67
C GLU A 349 -27.41 3.83 8.98
N MET A 350 -28.32 3.76 9.95
CA MET A 350 -29.08 4.92 10.40
C MET A 350 -28.30 5.57 11.55
N LYS A 351 -27.50 6.58 11.20
CA LYS A 351 -26.72 7.28 12.23
C LYS A 351 -27.58 8.31 12.96
N ALA A 352 -28.08 9.31 12.21
CA ALA A 352 -28.82 10.39 12.86
C ALA A 352 -30.12 9.92 13.49
N TYR A 353 -30.86 9.04 12.80
CA TYR A 353 -32.16 8.62 13.31
C TYR A 353 -32.01 7.88 14.63
N HIS A 354 -31.14 6.87 14.68
CA HIS A 354 -30.95 6.14 15.92
C HIS A 354 -30.23 6.97 16.98
N ALA A 355 -29.39 7.93 16.56
CA ALA A 355 -28.78 8.83 17.52
C ALA A 355 -29.83 9.67 18.24
N ILE A 356 -30.78 10.21 17.47
CA ILE A 356 -31.86 10.99 18.06
C ILE A 356 -32.75 10.10 18.92
N SER A 357 -33.03 8.88 18.45
CA SER A 357 -33.83 7.96 19.24
C SER A 357 -33.17 7.63 20.57
N ARG A 358 -31.86 7.38 20.55
CA ARG A 358 -31.14 7.07 21.79
C ARG A 358 -31.09 8.29 22.70
N ALA A 359 -30.89 9.48 22.14
CA ALA A 359 -30.89 10.69 22.96
C ALA A 359 -32.23 10.91 23.63
N LEU A 360 -33.32 10.58 22.94
CA LEU A 360 -34.64 10.68 23.55
C LEU A 360 -34.85 9.59 24.59
N GLU A 361 -34.34 8.39 24.33
CA GLU A 361 -34.61 7.25 25.20
C GLU A 361 -33.84 7.34 26.52
N LYS A 362 -32.56 7.72 26.47
CA LYS A 362 -31.73 7.70 27.66
C LYS A 362 -32.20 8.71 28.72
N GLU A 363 -32.95 9.74 28.33
CA GLU A 363 -33.60 10.60 29.30
C GLU A 363 -34.84 9.97 29.92
N GLY A 364 -35.29 8.82 29.42
CA GLY A 364 -36.42 8.12 30.00
C GLY A 364 -37.78 8.61 29.56
N LEU A 365 -37.87 9.28 28.40
CA LEU A 365 -39.14 9.82 27.93
C LEU A 365 -39.55 9.20 26.59
N LYS A 366 -39.09 7.98 26.32
CA LYS A 366 -39.47 7.26 25.11
C LYS A 366 -39.20 5.78 25.32
N ASP A 367 -40.06 4.94 24.74
CA ASP A 367 -39.92 3.51 24.88
C ASP A 367 -38.67 3.03 24.13
N LYS A 368 -38.26 1.79 24.45
CA LYS A 368 -37.05 1.24 23.86
C LYS A 368 -37.17 1.09 22.35
N LYS A 369 -38.30 0.59 21.87
CA LYS A 369 -38.53 0.35 20.45
C LYS A 369 -39.89 0.93 20.07
N SER A 370 -39.87 2.13 19.48
CA SER A 370 -41.09 2.78 19.01
C SER A 370 -40.70 3.76 17.92
N PRO A 371 -41.60 4.06 16.98
CA PRO A 371 -41.30 5.10 15.99
C PRO A 371 -41.10 6.46 16.65
N LEU A 372 -40.15 7.22 16.13
CA LEU A 372 -39.82 8.52 16.71
C LEU A 372 -40.92 9.51 16.38
N ASN A 373 -41.60 10.01 17.42
CA ASN A 373 -42.73 10.92 17.25
C ASN A 373 -42.21 12.33 16.95
N LEU A 374 -41.74 12.50 15.72
CA LEU A 374 -41.20 13.78 15.27
C LEU A 374 -41.30 13.87 13.75
N SER A 375 -41.76 15.01 13.26
CA SER A 375 -41.87 15.20 11.82
C SER A 375 -40.48 15.30 11.19
N PRO A 376 -40.33 14.92 9.92
CA PRO A 376 -39.02 15.05 9.27
C PRO A 376 -38.50 16.47 9.22
N GLU A 377 -39.39 17.47 9.10
CA GLU A 377 -38.95 18.86 9.09
C GLU A 377 -38.28 19.22 10.42
N LEU A 378 -38.80 18.71 11.54
CA LEU A 378 -38.22 19.01 12.84
C LEU A 378 -36.81 18.41 12.95
N GLN A 379 -36.65 17.15 12.55
CA GLN A 379 -35.33 16.54 12.61
C GLN A 379 -34.35 17.26 11.68
N ASP A 380 -34.81 17.67 10.50
CA ASP A 380 -33.96 18.40 9.57
C ASP A 380 -33.49 19.72 10.20
N GLU A 381 -34.41 20.45 10.81
CA GLU A 381 -34.05 21.74 11.40
C GLU A 381 -33.11 21.57 12.60
N ILE A 382 -33.36 20.57 13.45
CA ILE A 382 -32.44 20.35 14.57
C ILE A 382 -31.08 19.88 14.06
N GLY A 383 -31.02 19.11 12.97
CA GLY A 383 -29.74 18.74 12.41
C GLY A 383 -28.97 19.94 11.90
N THR A 384 -29.66 20.83 11.18
CA THR A 384 -29.00 22.04 10.70
C THR A 384 -28.49 22.90 11.85
N ALA A 385 -29.31 23.06 12.89
CA ALA A 385 -28.89 23.86 14.04
C ALA A 385 -27.72 23.21 14.78
N PHE A 386 -27.75 21.89 14.94
CA PHE A 386 -26.67 21.19 15.64
C PHE A 386 -25.39 21.17 14.84
N SER A 387 -25.46 21.25 13.52
CA SER A 387 -24.27 21.26 12.70
C SER A 387 -23.75 22.66 12.42
N LEU A 388 -24.56 23.70 12.61
CA LEU A 388 -24.12 25.07 12.39
C LEU A 388 -23.64 25.75 13.66
N PHE A 389 -24.14 25.35 14.83
CA PHE A 389 -23.78 25.97 16.09
C PHE A 389 -23.40 24.89 17.10
N LYS A 390 -22.38 25.18 17.91
CA LYS A 390 -21.81 24.20 18.82
C LYS A 390 -21.82 24.68 20.27
N THR A 391 -22.60 25.71 20.59
CA THR A 391 -22.69 26.23 21.96
C THR A 391 -24.12 26.10 22.46
N ASP A 392 -24.25 25.88 23.78
CA ASP A 392 -25.56 25.64 24.37
C ASP A 392 -26.51 26.80 24.13
N GLU A 393 -26.02 28.03 24.31
CA GLU A 393 -26.87 29.21 24.16
C GLU A 393 -27.47 29.28 22.76
N ASP A 394 -26.65 29.07 21.74
CA ASP A 394 -27.14 29.17 20.37
C ASP A 394 -28.13 28.05 20.05
N ILE A 395 -27.87 26.84 20.53
CA ILE A 395 -28.79 25.73 20.27
C ILE A 395 -30.13 25.92 20.97
N THR A 396 -30.15 26.56 22.14
CA THR A 396 -31.42 26.94 22.75
C THR A 396 -31.96 28.25 22.19
N GLY A 397 -31.20 28.91 21.31
CA GLY A 397 -31.67 30.13 20.68
C GLY A 397 -32.40 29.89 19.37
N ARG A 398 -32.24 28.70 18.80
N ARG A 398 -32.24 28.69 18.80
CA ARG A 398 -32.90 28.35 17.55
CA ARG A 398 -32.88 28.34 17.56
C ARG A 398 -33.89 27.20 17.68
C ARG A 398 -33.85 27.16 17.67
N LEU A 399 -33.83 26.42 18.78
CA LEU A 399 -34.73 25.29 18.96
C LEU A 399 -35.78 25.52 20.03
N LYS A 400 -35.77 26.68 20.69
CA LYS A 400 -36.73 26.94 21.76
C LYS A 400 -38.16 27.01 21.22
N ASP A 401 -38.32 27.58 20.02
CA ASP A 401 -39.65 27.86 19.46
C ASP A 401 -40.18 26.73 18.58
N ARG A 402 -39.49 25.60 18.50
CA ARG A 402 -39.92 24.55 17.59
C ARG A 402 -40.14 23.21 18.27
N ILE A 403 -39.35 22.89 19.29
CA ILE A 403 -39.47 21.61 19.98
C ILE A 403 -39.92 21.87 21.42
N GLN A 404 -40.43 20.82 22.06
CA GLN A 404 -40.97 20.93 23.39
C GLN A 404 -39.86 21.21 24.40
N PRO A 405 -40.20 21.77 25.57
CA PRO A 405 -39.16 22.17 26.54
C PRO A 405 -38.19 21.05 26.91
N GLU A 406 -38.69 19.83 27.08
CA GLU A 406 -37.80 18.72 27.47
C GLU A 406 -36.87 18.34 26.33
N ILE A 407 -37.32 18.49 25.08
CA ILE A 407 -36.55 17.99 23.94
C ILE A 407 -35.21 18.70 23.82
N LEU A 408 -35.18 20.01 24.04
CA LEU A 408 -33.93 20.75 23.90
C LEU A 408 -32.89 20.25 24.91
N GLU A 409 -33.31 20.07 26.16
CA GLU A 409 -32.38 19.58 27.18
C GLU A 409 -31.95 18.15 26.90
N ALA A 410 -32.90 17.31 26.43
CA ALA A 410 -32.55 15.93 26.11
C ALA A 410 -31.57 15.85 24.95
N LEU A 411 -31.68 16.77 23.98
CA LEU A 411 -30.73 16.81 22.88
C LEU A 411 -29.38 17.34 23.32
N LEU A 412 -29.36 18.32 24.22
CA LEU A 412 -28.09 18.84 24.70
C LEU A 412 -27.52 18.00 25.83
N LYS A 413 -27.48 16.68 25.64
CA LYS A 413 -26.76 15.81 26.57
C LYS A 413 -25.97 14.69 25.90
N HIS A 414 -26.36 14.22 24.71
CA HIS A 414 -25.66 13.13 24.06
C HIS A 414 -25.54 13.31 22.55
N ILE A 415 -25.70 14.53 22.03
CA ILE A 415 -25.84 14.76 20.60
C ILE A 415 -24.72 15.67 20.12
N SER A 416 -24.04 15.26 19.06
CA SER A 416 -23.04 16.08 18.38
C SER A 416 -22.94 15.63 16.94
N PHE A 417 -23.02 16.56 16.00
CA PHE A 417 -23.00 16.26 14.58
C PHE A 417 -21.94 17.09 13.88
N ASP A 418 -21.60 16.69 12.67
CA ASP A 418 -20.59 17.37 11.88
C ASP A 418 -20.80 17.02 10.41
N LYS A 419 -19.87 17.46 9.56
CA LYS A 419 -19.85 17.19 8.12
C LYS A 419 -20.99 17.86 7.38
N PHE A 420 -20.76 18.22 6.12
CA PHE A 420 -21.74 18.89 5.28
C PHE A 420 -21.76 18.24 3.91
N VAL A 421 -22.96 17.94 3.41
CA VAL A 421 -23.11 17.37 2.08
C VAL A 421 -23.06 18.48 1.04
N GLN A 422 -22.91 18.12 -0.23
CA GLN A 422 -22.77 19.09 -1.31
C GLN A 422 -24.10 19.43 -1.97
N ILE A 423 -25.21 18.93 -1.45
CA ILE A 423 -26.54 19.17 -2.02
C ILE A 423 -27.33 20.03 -1.04
N SER A 424 -27.94 21.09 -1.57
CA SER A 424 -28.69 22.01 -0.72
C SER A 424 -29.99 21.38 -0.26
N LEU A 425 -30.60 22.00 0.76
CA LEU A 425 -31.88 21.53 1.28
C LEU A 425 -33.00 21.72 0.27
N LYS A 426 -32.98 22.82 -0.48
CA LYS A 426 -34.04 23.10 -1.44
C LYS A 426 -34.06 22.06 -2.55
N ALA A 427 -32.89 21.71 -3.09
CA ALA A 427 -32.82 20.72 -4.16
C ALA A 427 -33.17 19.32 -3.67
N LEU A 428 -33.02 19.06 -2.37
CA LEU A 428 -33.32 17.73 -1.82
C LEU A 428 -34.80 17.40 -1.95
N ARG A 429 -35.66 18.38 -1.68
CA ARG A 429 -37.11 18.16 -1.75
C ARG A 429 -37.56 17.76 -3.14
N ARG A 430 -36.75 18.04 -4.16
CA ARG A 430 -37.03 17.61 -5.53
C ARG A 430 -36.29 16.34 -5.92
N ILE A 431 -35.06 16.17 -5.45
CA ILE A 431 -34.27 15.00 -5.83
C ILE A 431 -34.83 13.73 -5.19
N VAL A 432 -35.19 13.79 -3.90
CA VAL A 432 -35.63 12.57 -3.20
C VAL A 432 -36.88 11.95 -3.83
N PRO A 433 -37.95 12.70 -4.14
CA PRO A 433 -39.15 12.04 -4.71
C PRO A 433 -38.88 11.31 -6.02
N LEU A 434 -38.06 11.86 -6.90
CA LEU A 434 -37.78 11.18 -8.16
C LEU A 434 -37.01 9.89 -7.94
N MET A 435 -36.02 9.90 -7.04
CA MET A 435 -35.29 8.68 -6.73
C MET A 435 -36.18 7.65 -6.05
N GLU A 436 -37.20 8.10 -5.31
CA GLU A 436 -38.19 7.18 -4.79
C GLU A 436 -39.05 6.59 -5.90
N GLN A 437 -39.32 7.37 -6.96
CA GLN A 437 -40.10 6.88 -8.09
C GLN A 437 -39.35 5.88 -8.94
N GLY A 438 -38.05 5.70 -8.72
CA GLY A 438 -37.25 4.77 -9.50
C GLY A 438 -36.33 5.41 -10.50
N LYS A 439 -36.46 6.71 -10.74
CA LYS A 439 -35.57 7.39 -11.67
C LYS A 439 -34.13 7.36 -11.16
N ARG A 440 -33.20 7.11 -12.07
CA ARG A 440 -31.78 7.07 -11.71
C ARG A 440 -31.30 8.45 -11.29
N TYR A 441 -30.27 8.47 -10.45
CA TYR A 441 -29.69 9.69 -9.93
C TYR A 441 -29.46 10.74 -11.02
N ASP A 442 -28.69 10.37 -12.06
CA ASP A 442 -28.30 11.34 -13.07
C ASP A 442 -29.52 11.92 -13.78
N GLU A 443 -30.41 11.06 -14.26
CA GLU A 443 -31.60 11.56 -14.96
C GLU A 443 -32.52 12.33 -14.02
N ALA A 444 -32.56 11.94 -12.74
CA ALA A 444 -33.38 12.67 -11.78
C ALA A 444 -32.89 14.10 -11.61
N CYS A 445 -31.59 14.28 -11.36
CA CYS A 445 -31.07 15.64 -11.19
C CYS A 445 -31.09 16.41 -12.51
N ALA A 446 -31.01 15.70 -13.64
CA ALA A 446 -31.11 16.39 -14.93
C ALA A 446 -32.52 16.93 -15.17
N GLU A 447 -33.54 16.10 -14.90
CA GLU A 447 -34.92 16.56 -15.09
C GLU A 447 -35.28 17.64 -14.09
N ILE A 448 -34.82 17.51 -12.84
CA ILE A 448 -35.11 18.53 -11.84
C ILE A 448 -34.46 19.85 -12.22
N TYR A 449 -33.21 19.81 -12.67
CA TYR A 449 -32.49 21.02 -13.05
C TYR A 449 -31.94 20.91 -14.47
N THR A 458 -16.53 13.20 -20.65
CA THR A 458 -15.59 12.13 -20.97
C THR A 458 -15.28 12.11 -22.46
N GLU A 459 -14.94 13.27 -23.02
CA GLU A 459 -14.62 13.37 -24.43
C GLU A 459 -13.30 12.67 -24.73
N GLU A 460 -13.15 12.23 -25.98
CA GLU A 460 -11.95 11.52 -26.40
C GLU A 460 -10.80 12.51 -26.62
N LYS A 461 -9.60 12.07 -26.24
CA LYS A 461 -8.39 12.86 -26.43
C LYS A 461 -7.31 11.96 -27.04
N ILE A 462 -6.18 12.57 -27.39
CA ILE A 462 -5.11 11.81 -28.04
C ILE A 462 -4.36 10.95 -27.04
N TYR A 463 -3.98 11.52 -25.89
CA TYR A 463 -3.23 10.81 -24.87
C TYR A 463 -4.13 10.43 -23.70
N LEU A 464 -3.77 9.33 -23.05
CA LEU A 464 -4.56 8.84 -21.94
C LEU A 464 -4.48 9.82 -20.76
N PRO A 465 -5.61 10.11 -20.10
CA PRO A 465 -5.58 10.95 -18.91
C PRO A 465 -5.01 10.19 -17.72
N PRO A 466 -4.65 10.88 -16.65
CA PRO A 466 -4.11 10.17 -15.47
C PRO A 466 -5.10 9.16 -14.92
N ILE A 467 -4.56 8.04 -14.45
CA ILE A 467 -5.38 6.94 -13.93
C ILE A 467 -6.05 7.41 -12.64
N PRO A 468 -7.39 7.33 -12.55
CA PRO A 468 -8.06 7.75 -11.33
C PRO A 468 -7.78 6.79 -10.18
N ALA A 469 -7.37 7.34 -9.04
CA ALA A 469 -7.03 6.53 -7.88
C ALA A 469 -8.25 6.18 -7.03
N ASP A 470 -9.44 6.69 -7.38
CA ASP A 470 -10.63 6.38 -6.60
C ASP A 470 -11.01 4.91 -6.71
N GLU A 471 -11.09 4.40 -7.95
CA GLU A 471 -11.45 3.00 -8.15
C GLU A 471 -10.27 2.07 -7.86
N ILE A 472 -9.06 2.50 -8.18
CA ILE A 472 -7.87 1.67 -7.99
C ILE A 472 -7.41 1.88 -6.55
N ARG A 473 -7.87 1.01 -5.66
CA ARG A 473 -7.45 1.05 -4.26
C ARG A 473 -6.26 0.12 -4.01
N ASN A 474 -5.20 0.30 -4.80
CA ASN A 474 -4.01 -0.52 -4.68
C ASN A 474 -2.82 0.27 -5.19
N PRO A 475 -1.71 0.31 -4.44
CA PRO A 475 -0.55 1.09 -4.91
C PRO A 475 0.19 0.43 -6.05
N VAL A 476 0.38 -0.89 -6.00
CA VAL A 476 1.13 -1.59 -7.04
C VAL A 476 0.40 -1.47 -8.38
N VAL A 477 -0.90 -1.69 -8.38
CA VAL A 477 -1.69 -1.60 -9.61
C VAL A 477 -1.65 -0.18 -10.15
N LEU A 478 -1.78 0.82 -9.26
CA LEU A 478 -1.75 2.21 -9.70
C LEU A 478 -0.41 2.57 -10.33
N ARG A 479 0.69 2.13 -9.71
CA ARG A 479 2.01 2.41 -10.27
C ARG A 479 2.20 1.73 -11.62
N ALA A 480 1.78 0.46 -11.73
CA ALA A 480 1.91 -0.26 -12.99
C ALA A 480 1.11 0.41 -14.09
N LEU A 481 -0.12 0.82 -13.79
CA LEU A 481 -0.94 1.49 -14.80
C LEU A 481 -0.39 2.87 -15.15
N SER A 482 0.21 3.57 -14.17
CA SER A 482 0.83 4.85 -14.48
C SER A 482 2.01 4.68 -15.44
N GLN A 483 2.85 3.68 -15.19
CA GLN A 483 3.96 3.42 -16.11
C GLN A 483 3.47 2.99 -17.48
N ALA A 484 2.41 2.18 -17.52
CA ALA A 484 1.83 1.78 -18.80
C ALA A 484 1.28 2.99 -19.55
N ARG A 485 0.64 3.91 -18.83
CA ARG A 485 0.15 5.14 -19.46
C ARG A 485 1.29 5.98 -19.99
N LYS A 486 2.40 6.06 -19.24
CA LYS A 486 3.57 6.79 -19.71
C LYS A 486 4.11 6.20 -21.00
N VAL A 487 4.21 4.86 -21.05
CA VAL A 487 4.70 4.19 -22.26
C VAL A 487 3.76 4.44 -23.42
N ILE A 488 2.44 4.37 -23.17
CA ILE A 488 1.46 4.58 -24.24
C ILE A 488 1.55 6.01 -24.77
N ASN A 489 1.66 6.98 -23.87
CA ASN A 489 1.79 8.37 -24.31
C ASN A 489 3.07 8.57 -25.12
N GLY A 490 4.17 7.96 -24.67
CA GLY A 490 5.41 8.11 -25.40
C GLY A 490 5.35 7.52 -26.80
N VAL A 491 4.79 6.32 -26.93
CA VAL A 491 4.72 5.68 -28.24
C VAL A 491 3.74 6.42 -29.15
N VAL A 492 2.64 6.92 -28.59
CA VAL A 492 1.72 7.73 -29.40
C VAL A 492 2.40 8.99 -29.88
N ARG A 493 3.21 9.62 -29.01
CA ARG A 493 3.95 10.80 -29.41
C ARG A 493 4.94 10.48 -30.54
N ARG A 494 5.64 9.35 -30.43
CA ARG A 494 6.67 9.04 -31.42
C ARG A 494 6.08 8.60 -32.74
N TYR A 495 5.03 7.77 -32.72
CA TYR A 495 4.49 7.18 -33.93
C TYR A 495 3.10 7.71 -34.28
N GLY A 496 2.15 7.60 -33.37
CA GLY A 496 0.81 8.08 -33.64
C GLY A 496 -0.20 7.26 -32.87
N SER A 497 -1.47 7.49 -33.20
CA SER A 497 -2.56 6.79 -32.52
C SER A 497 -2.58 5.33 -32.96
N PRO A 498 -2.54 4.39 -32.02
CA PRO A 498 -2.59 2.97 -32.41
C PRO A 498 -3.98 2.55 -32.85
N ALA A 499 -4.02 1.57 -33.76
CA ALA A 499 -5.31 1.05 -34.22
C ALA A 499 -6.00 0.24 -33.13
N ARG A 500 -5.27 -0.67 -32.49
CA ARG A 500 -5.79 -1.46 -31.39
C ARG A 500 -4.70 -1.66 -30.35
N ILE A 501 -5.13 -1.91 -29.12
CA ILE A 501 -4.24 -2.23 -28.01
C ILE A 501 -4.62 -3.59 -27.47
N HIS A 502 -3.65 -4.50 -27.41
CA HIS A 502 -3.84 -5.84 -26.88
C HIS A 502 -3.11 -5.92 -25.54
N ILE A 503 -3.89 -5.98 -24.45
CA ILE A 503 -3.35 -5.95 -23.10
C ILE A 503 -3.27 -7.37 -22.55
N GLU A 504 -2.14 -7.71 -21.96
CA GLU A 504 -1.97 -8.97 -21.24
C GLU A 504 -1.33 -8.67 -19.91
N THR A 505 -1.98 -9.10 -18.83
CA THR A 505 -1.50 -8.86 -17.47
C THR A 505 -1.13 -10.20 -16.83
N ALA A 506 0.04 -10.25 -16.19
CA ALA A 506 0.45 -11.45 -15.49
C ALA A 506 -0.48 -11.76 -14.34
N ARG A 507 -0.55 -13.03 -13.98
CA ARG A 507 -1.45 -13.46 -12.90
C ARG A 507 -1.05 -12.90 -11.54
N GLU A 508 0.16 -12.36 -11.41
CA GLU A 508 0.61 -11.79 -10.14
C GLU A 508 0.15 -10.36 -9.92
N VAL A 509 -0.40 -9.70 -10.93
CA VAL A 509 -0.87 -8.32 -10.77
C VAL A 509 -2.26 -8.33 -10.18
N GLY A 510 -2.61 -7.24 -9.49
CA GLY A 510 -3.91 -7.13 -8.86
C GLY A 510 -4.14 -8.13 -7.75
N LYS A 511 -3.08 -8.53 -7.04
CA LYS A 511 -3.18 -9.50 -5.96
C LYS A 511 -2.39 -8.99 -4.76
N SER A 512 -2.82 -9.42 -3.57
CA SER A 512 -2.12 -9.04 -2.36
C SER A 512 -0.81 -9.83 -2.24
N PHE A 513 0.05 -9.36 -1.33
CA PHE A 513 1.37 -9.96 -1.18
C PHE A 513 1.28 -11.41 -0.70
N LYS A 514 0.35 -11.68 0.23
CA LYS A 514 0.22 -13.05 0.76
C LYS A 514 -0.21 -14.02 -0.33
N ASP A 515 -1.14 -13.61 -1.19
CA ASP A 515 -1.54 -14.46 -2.31
C ASP A 515 -0.38 -14.69 -3.27
N ARG A 516 0.45 -13.67 -3.50
CA ARG A 516 1.62 -13.86 -4.35
C ARG A 516 2.59 -14.87 -3.75
N LYS A 517 2.83 -14.77 -2.43
CA LYS A 517 3.71 -15.73 -1.78
C LYS A 517 3.14 -17.15 -1.85
N GLU A 518 1.83 -17.27 -1.66
CA GLU A 518 1.18 -18.58 -1.82
C GLU A 518 1.35 -19.11 -3.23
N ILE A 519 1.25 -18.23 -4.23
CA ILE A 519 1.44 -18.65 -5.61
C ILE A 519 2.86 -19.16 -5.82
N GLU A 520 3.86 -18.45 -5.28
CA GLU A 520 5.25 -18.90 -5.43
C GLU A 520 5.47 -20.24 -4.75
N LYS A 521 4.95 -20.42 -3.53
CA LYS A 521 5.16 -21.69 -2.84
C LYS A 521 4.43 -22.83 -3.54
N ARG A 522 3.24 -22.55 -4.09
CA ARG A 522 2.52 -23.57 -4.86
C ARG A 522 3.29 -23.95 -6.12
N GLN A 523 3.89 -22.96 -6.79
CA GLN A 523 4.70 -23.25 -7.97
C GLN A 523 5.91 -24.09 -7.62
N GLU A 524 6.57 -23.79 -6.49
CA GLU A 524 7.70 -24.59 -6.06
C GLU A 524 7.28 -26.02 -5.74
N GLU A 525 6.14 -26.18 -5.05
CA GLU A 525 5.64 -27.51 -4.75
C GLU A 525 5.28 -28.28 -6.02
N ASN A 526 4.68 -27.59 -7.00
CA ASN A 526 4.37 -28.23 -8.27
C ASN A 526 5.63 -28.67 -8.99
N ARG A 527 6.68 -27.84 -8.96
CA ARG A 527 7.94 -28.23 -9.58
C ARG A 527 8.53 -29.46 -8.89
N LYS A 528 8.49 -29.50 -7.55
CA LYS A 528 9.00 -30.65 -6.83
C LYS A 528 8.20 -31.91 -7.16
N ASP A 529 6.88 -31.79 -7.24
CA ASP A 529 6.05 -32.94 -7.61
C ASP A 529 6.35 -33.41 -9.02
N ARG A 530 6.58 -32.46 -9.94
CA ARG A 530 6.94 -32.83 -11.30
C ARG A 530 8.27 -33.57 -11.34
N GLU A 531 9.24 -33.13 -10.54
CA GLU A 531 10.52 -33.84 -10.46
C GLU A 531 10.35 -35.24 -9.89
N LYS A 532 9.48 -35.39 -8.87
CA LYS A 532 9.22 -36.70 -8.32
C LYS A 532 8.56 -37.62 -9.36
N ALA A 533 7.61 -37.08 -10.12
CA ALA A 533 6.98 -37.86 -11.18
C ALA A 533 7.98 -38.24 -12.26
N ALA A 534 8.91 -37.33 -12.58
CA ALA A 534 9.96 -37.65 -13.53
C ALA A 534 10.84 -38.78 -13.02
N ALA A 535 11.20 -38.74 -11.73
CA ALA A 535 12.00 -39.80 -11.15
C ALA A 535 11.27 -41.14 -11.19
N LYS A 536 9.95 -41.11 -10.97
CA LYS A 536 9.15 -42.32 -11.14
C LYS A 536 9.18 -42.80 -12.58
N PHE A 537 9.15 -41.86 -13.53
CA PHE A 537 9.17 -42.20 -14.95
C PHE A 537 10.48 -42.88 -15.35
N ARG A 538 11.60 -42.42 -14.78
N ARG A 538 11.60 -42.42 -14.78
CA ARG A 538 12.90 -43.00 -15.18
CA ARG A 538 12.90 -43.00 -15.18
C ARG A 538 13.04 -44.47 -14.81
C ARG A 538 13.04 -44.47 -14.81
N GLU A 539 12.04 -45.13 -14.23
CA GLU A 539 12.15 -46.53 -13.84
C GLU A 539 11.54 -47.48 -14.87
N TYR A 540 10.39 -47.13 -15.45
CA TYR A 540 9.67 -48.07 -16.29
C TYR A 540 10.45 -48.41 -17.56
N PHE A 541 10.91 -47.40 -18.30
CA PHE A 541 11.56 -47.59 -19.59
C PHE A 541 12.86 -46.80 -19.62
N PRO A 542 13.94 -47.35 -19.06
CA PRO A 542 15.24 -46.67 -19.15
C PRO A 542 15.74 -46.52 -20.58
N ASN A 543 15.36 -47.42 -21.48
CA ASN A 543 15.84 -47.38 -22.86
C ASN A 543 15.26 -46.22 -23.67
N PHE A 544 14.27 -45.50 -23.14
CA PHE A 544 13.68 -44.38 -23.86
C PHE A 544 14.70 -43.25 -23.99
N VAL A 545 15.29 -43.12 -25.18
CA VAL A 545 16.35 -42.16 -25.47
C VAL A 545 17.32 -42.04 -24.31
N GLY A 546 17.55 -40.81 -23.85
CA GLY A 546 18.41 -40.57 -22.71
C GLY A 546 17.91 -39.43 -21.85
N GLU A 547 16.72 -38.94 -22.13
CA GLU A 547 16.13 -37.82 -21.40
C GLU A 547 14.62 -37.90 -21.48
N PRO A 548 13.99 -38.65 -20.57
CA PRO A 548 12.52 -38.65 -20.50
C PRO A 548 11.99 -37.26 -20.20
N LYS A 549 11.26 -36.71 -21.16
CA LYS A 549 10.77 -35.33 -21.07
C LYS A 549 9.36 -35.30 -20.46
N SER A 550 8.81 -34.11 -20.36
CA SER A 550 7.53 -33.91 -19.68
C SER A 550 6.32 -34.26 -20.54
N LYS A 551 6.49 -34.38 -21.86
CA LYS A 551 5.37 -34.76 -22.71
C LYS A 551 4.97 -36.21 -22.46
N ASP A 552 5.95 -37.11 -22.46
CA ASP A 552 5.68 -38.50 -22.10
C ASP A 552 5.24 -38.61 -20.65
N ILE A 553 5.72 -37.69 -19.79
CA ILE A 553 5.28 -37.66 -18.41
C ILE A 553 3.78 -37.38 -18.34
N LEU A 554 3.32 -36.39 -19.10
CA LEU A 554 1.90 -36.07 -19.13
C LEU A 554 1.09 -37.21 -19.72
N LYS A 555 1.61 -37.85 -20.77
CA LYS A 555 0.93 -39.00 -21.35
C LYS A 555 0.76 -40.12 -20.32
N LEU A 556 1.84 -40.45 -19.60
CA LEU A 556 1.78 -41.51 -18.60
C LEU A 556 0.86 -41.13 -17.45
N ARG A 557 0.89 -39.86 -17.03
CA ARG A 557 0.02 -39.43 -15.95
C ARG A 557 -1.45 -39.53 -16.33
N LEU A 558 -1.79 -39.09 -17.56
CA LEU A 558 -3.17 -39.19 -18.00
C LEU A 558 -3.58 -40.64 -18.17
N TYR A 559 -2.65 -41.51 -18.59
CA TYR A 559 -2.89 -42.95 -18.57
C TYR A 559 -3.24 -43.41 -17.16
N GLU A 560 -2.48 -42.95 -16.17
CA GLU A 560 -2.78 -43.31 -14.78
C GLU A 560 -4.14 -42.80 -14.33
N GLN A 561 -4.58 -41.66 -14.87
CA GLN A 561 -5.91 -41.16 -14.53
C GLN A 561 -7.00 -42.12 -14.99
N GLN A 562 -6.82 -42.74 -16.15
CA GLN A 562 -7.82 -43.69 -16.66
C GLN A 562 -7.84 -45.00 -15.87
N HIS A 563 -6.87 -45.22 -14.97
CA HIS A 563 -6.84 -46.39 -14.10
C HIS A 563 -6.78 -47.68 -14.91
N GLY A 564 -5.83 -47.73 -15.84
CA GLY A 564 -5.65 -48.91 -16.67
C GLY A 564 -6.83 -49.22 -17.58
N LYS A 565 -7.45 -48.17 -18.15
CA LYS A 565 -8.58 -48.34 -19.05
C LYS A 565 -8.41 -47.41 -20.23
N CYS A 566 -9.20 -47.66 -21.28
CA CYS A 566 -9.18 -46.87 -22.50
C CYS A 566 -10.48 -46.09 -22.64
N LEU A 567 -10.43 -45.02 -23.43
CA LEU A 567 -11.57 -44.14 -23.63
C LEU A 567 -12.04 -44.20 -25.08
N TYR A 568 -13.31 -43.84 -25.28
CA TYR A 568 -14.00 -44.01 -26.57
C TYR A 568 -13.96 -45.46 -27.04
N SER A 569 -12.79 -45.95 -27.44
CA SER A 569 -12.70 -47.27 -28.04
C SER A 569 -13.23 -48.35 -27.11
N GLY A 570 -12.83 -48.31 -25.84
CA GLY A 570 -13.28 -49.28 -24.87
C GLY A 570 -12.39 -50.48 -24.69
N LYS A 571 -11.19 -50.49 -25.28
CA LYS A 571 -10.27 -51.60 -25.16
C LYS A 571 -9.53 -51.50 -23.82
N GLU A 572 -8.47 -52.28 -23.65
CA GLU A 572 -7.81 -52.40 -22.35
C GLU A 572 -6.30 -52.18 -22.48
N ILE A 573 -5.69 -51.99 -21.30
CA ILE A 573 -4.26 -51.76 -21.11
C ILE A 573 -3.49 -53.07 -21.30
N ASN A 574 -2.16 -52.99 -21.17
CA ASN A 574 -1.17 -54.00 -21.53
C ASN A 574 -0.84 -53.94 -23.01
N LEU A 575 -0.98 -52.74 -23.59
CA LEU A 575 -0.35 -52.45 -24.88
C LEU A 575 1.16 -52.59 -24.76
N GLY A 576 1.80 -52.91 -25.88
CA GLY A 576 3.22 -53.21 -25.89
C GLY A 576 4.14 -52.07 -25.50
N ARG A 577 4.24 -51.05 -26.36
CA ARG A 577 5.11 -49.91 -26.12
C ARG A 577 4.25 -48.67 -25.88
N LEU A 578 4.56 -47.94 -24.80
CA LEU A 578 3.73 -46.82 -24.39
C LEU A 578 3.68 -45.73 -25.45
N ASN A 579 4.78 -45.48 -26.15
CA ASN A 579 4.79 -44.44 -27.19
C ASN A 579 4.42 -45.05 -28.54
N GLU A 580 5.27 -45.95 -29.05
CA GLU A 580 5.00 -46.75 -30.25
C GLU A 580 4.92 -45.86 -31.49
N LYS A 581 4.97 -44.54 -31.28
CA LYS A 581 4.82 -43.53 -32.33
C LYS A 581 3.53 -43.78 -33.13
N GLY A 582 2.41 -43.62 -32.42
CA GLY A 582 1.12 -43.72 -33.06
C GLY A 582 0.05 -44.45 -32.24
N TYR A 583 0.49 -45.23 -31.25
CA TYR A 583 -0.47 -46.00 -30.45
C TYR A 583 -1.41 -45.08 -29.66
N VAL A 584 -0.86 -44.02 -29.06
CA VAL A 584 -1.63 -43.12 -28.22
C VAL A 584 -1.44 -41.70 -28.72
N GLU A 585 -2.53 -40.95 -28.79
CA GLU A 585 -2.51 -39.57 -29.24
C GLU A 585 -3.34 -38.72 -28.29
N ILE A 586 -2.74 -37.66 -27.77
CA ILE A 586 -3.49 -36.73 -26.91
C ILE A 586 -4.42 -35.92 -27.79
N ASP A 587 -5.72 -35.96 -27.46
CA ASP A 587 -6.73 -35.28 -28.24
C ASP A 587 -7.68 -34.52 -27.32
N HIS A 588 -8.27 -33.46 -27.87
CA HIS A 588 -9.24 -32.65 -27.13
C HIS A 588 -10.60 -33.32 -27.19
N ALA A 589 -11.21 -33.56 -26.03
CA ALA A 589 -12.57 -34.09 -26.00
C ALA A 589 -13.53 -33.14 -26.69
N LEU A 590 -13.63 -31.92 -26.20
CA LEU A 590 -14.35 -30.88 -26.92
C LEU A 590 -13.43 -30.29 -27.99
N PRO A 591 -13.88 -30.24 -29.25
CA PRO A 591 -13.00 -29.80 -30.33
C PRO A 591 -12.48 -28.38 -30.12
N PHE A 592 -11.24 -28.16 -30.55
CA PHE A 592 -10.61 -26.85 -30.43
C PHE A 592 -11.34 -25.81 -31.27
N SER A 593 -11.79 -26.19 -32.47
CA SER A 593 -12.38 -25.23 -33.39
C SER A 593 -13.64 -24.58 -32.83
N ARG A 594 -14.26 -25.17 -31.81
CA ARG A 594 -15.48 -24.63 -31.23
C ARG A 594 -15.32 -24.10 -29.81
N THR A 595 -14.24 -24.47 -29.11
CA THR A 595 -14.11 -24.13 -27.70
C THR A 595 -12.87 -23.34 -27.34
N TRP A 596 -11.73 -23.58 -28.00
CA TRP A 596 -10.46 -22.94 -27.64
C TRP A 596 -10.14 -23.19 -26.15
N ASP A 597 -10.32 -24.44 -25.73
CA ASP A 597 -10.36 -24.79 -24.31
C ASP A 597 -9.37 -25.94 -24.05
N ASP A 598 -8.12 -25.74 -24.47
CA ASP A 598 -7.09 -26.71 -24.15
C ASP A 598 -7.06 -27.01 -22.65
N SER A 599 -6.77 -26.00 -21.84
CA SER A 599 -6.74 -26.12 -20.39
C SER A 599 -5.99 -27.37 -19.95
N PHE A 600 -6.50 -28.03 -18.90
CA PHE A 600 -6.00 -29.34 -18.49
C PHE A 600 -7.09 -30.39 -18.45
N ASN A 601 -8.37 -30.01 -18.51
CA ASN A 601 -9.46 -30.96 -18.43
C ASN A 601 -9.78 -31.58 -19.78
N ASN A 602 -9.71 -30.79 -20.85
CA ASN A 602 -10.19 -31.26 -22.15
C ASN A 602 -9.32 -32.37 -22.71
N LYS A 603 -8.00 -32.29 -22.52
CA LYS A 603 -7.10 -33.25 -23.13
C LYS A 603 -7.26 -34.64 -22.53
N VAL A 604 -7.39 -35.64 -23.40
CA VAL A 604 -7.45 -37.04 -22.99
C VAL A 604 -6.56 -37.86 -23.92
N LEU A 605 -6.23 -39.06 -23.47
CA LEU A 605 -5.38 -39.98 -24.22
C LEU A 605 -6.16 -41.24 -24.55
N VAL A 606 -6.14 -41.65 -25.81
CA VAL A 606 -6.92 -42.80 -26.26
C VAL A 606 -5.98 -43.91 -26.72
N LEU A 607 -6.54 -45.03 -27.13
CA LEU A 607 -5.76 -46.18 -27.58
C LEU A 607 -5.60 -46.12 -29.10
N GLY A 608 -5.02 -47.17 -29.67
CA GLY A 608 -4.80 -47.20 -31.11
C GLY A 608 -6.09 -47.24 -31.91
N SER A 609 -7.05 -48.05 -31.48
CA SER A 609 -8.31 -48.17 -32.20
C SER A 609 -9.15 -46.92 -32.01
N GLU A 610 -10.20 -46.81 -32.84
CA GLU A 610 -11.13 -45.68 -32.82
CA GLU A 610 -11.13 -45.68 -32.82
C GLU A 610 -10.40 -44.36 -33.05
N ASN A 611 -11.13 -43.25 -32.92
CA ASN A 611 -10.65 -41.88 -33.10
C ASN A 611 -10.28 -41.58 -34.54
N GLN A 612 -10.39 -42.54 -35.45
CA GLN A 612 -10.06 -42.31 -36.86
C GLN A 612 -11.18 -41.60 -37.62
N ASN A 613 -12.39 -41.60 -37.07
CA ASN A 613 -13.55 -40.99 -37.73
C ASN A 613 -14.36 -40.18 -36.74
N LYS A 614 -13.69 -39.41 -35.88
CA LYS A 614 -14.39 -38.60 -34.89
C LYS A 614 -14.86 -37.28 -35.48
N GLY A 615 -13.94 -36.49 -36.02
CA GLY A 615 -14.27 -35.19 -36.56
C GLY A 615 -14.43 -34.15 -35.46
N ASN A 616 -14.87 -32.96 -35.88
CA ASN A 616 -15.11 -31.86 -34.95
C ASN A 616 -16.49 -31.99 -34.31
N GLN A 617 -16.69 -33.12 -33.65
CA GLN A 617 -17.96 -33.45 -33.00
C GLN A 617 -17.75 -33.61 -31.50
N THR A 618 -18.56 -32.89 -30.72
CA THR A 618 -18.60 -33.13 -29.29
C THR A 618 -19.19 -34.51 -29.03
N PRO A 619 -18.85 -35.15 -27.89
CA PRO A 619 -19.39 -36.48 -27.61
C PRO A 619 -20.91 -36.55 -27.58
N TYR A 620 -21.60 -35.40 -27.42
CA TYR A 620 -23.05 -35.40 -27.42
C TYR A 620 -23.64 -35.73 -28.80
N GLU A 621 -22.89 -35.49 -29.88
CA GLU A 621 -23.35 -35.78 -31.22
C GLU A 621 -22.57 -36.92 -31.88
N TYR A 622 -21.83 -37.71 -31.11
CA TYR A 622 -21.03 -38.81 -31.65
C TYR A 622 -21.31 -40.15 -31.01
N PHE A 623 -21.74 -40.19 -29.75
CA PHE A 623 -21.99 -41.45 -29.05
C PHE A 623 -23.49 -41.72 -28.88
N ASN A 624 -24.33 -41.11 -29.71
CA ASN A 624 -25.78 -41.32 -29.68
C ASN A 624 -26.38 -40.95 -28.32
N GLY A 625 -25.81 -39.94 -27.67
CA GLY A 625 -26.32 -39.51 -26.38
C GLY A 625 -27.62 -38.73 -26.46
N LYS A 626 -27.87 -38.11 -27.62
CA LYS A 626 -29.11 -37.34 -27.78
C LYS A 626 -30.33 -38.26 -27.70
N ASP A 627 -30.25 -39.44 -28.30
CA ASP A 627 -31.33 -40.42 -28.25
C ASP A 627 -31.20 -41.36 -27.06
N ASN A 628 -30.19 -41.19 -26.21
CA ASN A 628 -29.97 -42.01 -25.02
C ASN A 628 -29.82 -43.49 -25.39
N SER A 629 -28.76 -43.79 -26.14
CA SER A 629 -28.47 -45.14 -26.57
C SER A 629 -27.39 -45.76 -25.68
N ARG A 630 -27.00 -47.00 -26.01
CA ARG A 630 -26.02 -47.70 -25.20
C ARG A 630 -24.61 -47.18 -25.45
N GLU A 631 -24.32 -46.70 -26.66
CA GLU A 631 -22.99 -46.20 -26.98
C GLU A 631 -22.56 -45.05 -26.08
N TRP A 632 -23.52 -44.36 -25.46
CA TRP A 632 -23.25 -43.26 -24.54
C TRP A 632 -23.26 -43.69 -23.08
N GLN A 633 -24.29 -44.45 -22.66
CA GLN A 633 -24.38 -44.87 -21.28
C GLN A 633 -23.23 -45.80 -20.90
N GLU A 634 -22.83 -46.68 -21.83
CA GLU A 634 -21.72 -47.59 -21.55
C GLU A 634 -20.43 -46.83 -21.29
N PHE A 635 -20.13 -45.82 -22.11
CA PHE A 635 -18.89 -45.08 -21.91
C PHE A 635 -18.99 -44.16 -20.69
N LYS A 636 -20.18 -43.65 -20.37
CA LYS A 636 -20.35 -42.92 -19.13
C LYS A 636 -20.05 -43.82 -17.93
N ALA A 637 -20.55 -45.06 -17.96
CA ALA A 637 -20.26 -46.00 -16.89
C ALA A 637 -18.78 -46.31 -16.81
N ARG A 638 -18.13 -46.47 -17.98
CA ARG A 638 -16.70 -46.77 -17.99
C ARG A 638 -15.89 -45.65 -17.36
N VAL A 639 -16.18 -44.40 -17.74
CA VAL A 639 -15.42 -43.26 -17.23
C VAL A 639 -15.88 -42.80 -15.85
N GLU A 640 -16.99 -43.34 -15.34
CA GLU A 640 -17.48 -42.91 -14.04
C GLU A 640 -16.63 -43.42 -12.87
N THR A 641 -15.73 -44.37 -13.12
CA THR A 641 -14.81 -44.86 -12.10
C THR A 641 -13.43 -44.23 -12.20
N SER A 642 -13.26 -43.22 -13.05
CA SER A 642 -11.96 -42.62 -13.28
C SER A 642 -11.57 -41.69 -12.12
N ARG A 643 -10.34 -41.20 -12.18
CA ARG A 643 -9.80 -40.28 -11.19
C ARG A 643 -9.75 -38.84 -11.71
N PHE A 644 -10.65 -38.50 -12.61
CA PHE A 644 -10.64 -37.17 -13.22
C PHE A 644 -11.06 -36.11 -12.21
N PRO A 645 -10.60 -34.88 -12.39
CA PRO A 645 -11.03 -33.79 -11.49
C PRO A 645 -12.50 -33.48 -11.65
N ARG A 646 -13.05 -32.80 -10.64
CA ARG A 646 -14.48 -32.52 -10.60
C ARG A 646 -14.93 -31.75 -11.84
N SER A 647 -14.18 -30.71 -12.20
CA SER A 647 -14.50 -29.93 -13.39
C SER A 647 -14.43 -30.80 -14.65
N LYS A 648 -13.40 -31.62 -14.76
CA LYS A 648 -13.30 -32.51 -15.92
C LYS A 648 -14.33 -33.64 -15.85
N LYS A 649 -14.63 -34.11 -14.64
CA LYS A 649 -15.58 -35.20 -14.49
C LYS A 649 -16.99 -34.77 -14.89
N GLN A 650 -17.37 -33.53 -14.57
CA GLN A 650 -18.66 -33.01 -14.98
C GLN A 650 -18.62 -32.41 -16.37
N ARG A 651 -17.46 -32.36 -17.01
CA ARG A 651 -17.36 -31.98 -18.41
C ARG A 651 -17.48 -33.19 -19.34
N ILE A 652 -17.90 -34.34 -18.81
CA ILE A 652 -18.14 -35.50 -19.66
C ILE A 652 -19.23 -35.20 -20.67
N LEU A 653 -20.25 -34.43 -20.28
CA LEU A 653 -21.37 -34.12 -21.14
C LEU A 653 -21.75 -32.66 -20.95
N LEU A 654 -22.11 -32.02 -22.06
CA LEU A 654 -22.49 -30.61 -22.06
C LEU A 654 -23.79 -30.49 -22.85
N GLN A 655 -24.89 -30.25 -22.14
CA GLN A 655 -26.21 -30.23 -22.76
C GLN A 655 -26.42 -28.96 -23.56
N LYS A 656 -26.06 -28.98 -24.85
CA LYS A 656 -26.25 -27.85 -25.75
C LYS A 656 -25.62 -26.58 -25.21
N PHE A 657 -24.30 -26.65 -24.98
CA PHE A 657 -23.57 -25.48 -24.50
C PHE A 657 -23.57 -24.39 -25.56
N ASP A 658 -23.42 -23.15 -25.12
CA ASP A 658 -23.42 -22.00 -26.02
C ASP A 658 -22.18 -22.07 -26.90
N GLU A 659 -22.37 -22.40 -28.18
CA GLU A 659 -21.26 -22.54 -29.13
C GLU A 659 -20.99 -21.16 -29.75
N ASP A 660 -20.33 -20.31 -28.96
CA ASP A 660 -20.03 -18.93 -29.32
C ASP A 660 -19.45 -18.19 -28.12
N GLY A 661 -20.25 -18.03 -27.06
CA GLY A 661 -19.75 -17.35 -25.88
C GLY A 661 -18.62 -18.10 -25.21
N PHE A 662 -18.69 -19.43 -25.22
CA PHE A 662 -17.65 -20.25 -24.59
C PHE A 662 -16.28 -19.93 -25.20
N LYS A 663 -16.17 -20.00 -26.53
CA LYS A 663 -14.92 -19.62 -27.17
C LYS A 663 -14.61 -18.15 -26.97
N GLU A 664 -15.64 -17.33 -26.73
CA GLU A 664 -15.41 -15.93 -26.37
C GLU A 664 -14.93 -15.78 -24.94
N ARG A 665 -15.33 -16.70 -24.06
CA ARG A 665 -14.94 -16.62 -22.65
C ARG A 665 -13.49 -17.05 -22.45
N ASN A 666 -13.02 -18.03 -23.21
CA ASN A 666 -11.63 -18.47 -23.09
C ASN A 666 -10.65 -17.56 -23.81
N LEU A 667 -11.14 -16.68 -24.69
CA LEU A 667 -10.28 -15.77 -25.44
C LEU A 667 -10.15 -14.41 -24.80
N ASN A 668 -10.79 -14.17 -23.65
CA ASN A 668 -10.78 -12.87 -23.00
C ASN A 668 -10.44 -13.05 -21.53
N ASP A 669 -10.43 -11.93 -20.80
CA ASP A 669 -10.10 -11.90 -19.39
C ASP A 669 -11.28 -11.37 -18.60
N THR A 670 -11.51 -11.96 -17.42
CA THR A 670 -12.66 -11.63 -16.57
C THR A 670 -12.21 -11.17 -15.19
N ARG A 671 -11.22 -10.29 -15.14
CA ARG A 671 -10.74 -9.74 -13.89
C ARG A 671 -10.89 -8.22 -13.88
N TYR A 672 -10.82 -7.65 -12.67
CA TYR A 672 -11.15 -6.24 -12.47
C TYR A 672 -10.19 -5.34 -13.26
N VAL A 673 -8.88 -5.60 -13.15
CA VAL A 673 -7.90 -4.72 -13.76
C VAL A 673 -8.04 -4.69 -15.28
N ASN A 674 -8.22 -5.86 -15.90
CA ASN A 674 -8.36 -5.91 -17.35
C ASN A 674 -9.62 -5.18 -17.81
N ARG A 675 -10.74 -5.39 -17.11
CA ARG A 675 -11.98 -4.71 -17.49
C ARG A 675 -11.86 -3.20 -17.35
N PHE A 676 -11.25 -2.75 -16.26
CA PHE A 676 -11.07 -1.31 -16.06
C PHE A 676 -10.17 -0.72 -17.14
N LEU A 677 -9.09 -1.43 -17.49
CA LEU A 677 -8.22 -0.94 -18.56
C LEU A 677 -8.96 -0.88 -19.88
N CYS A 678 -9.73 -1.93 -20.21
CA CYS A 678 -10.51 -1.91 -21.44
C CYS A 678 -11.43 -0.71 -21.50
N GLN A 679 -12.20 -0.49 -20.42
CA GLN A 679 -13.14 0.63 -20.41
C GLN A 679 -12.40 1.97 -20.54
N PHE A 680 -11.31 2.14 -19.79
CA PHE A 680 -10.64 3.43 -19.75
C PHE A 680 -10.01 3.76 -21.11
N VAL A 681 -9.26 2.82 -21.69
CA VAL A 681 -8.67 3.07 -23.00
C VAL A 681 -9.73 3.11 -24.10
N ALA A 682 -10.91 2.51 -23.89
CA ALA A 682 -11.96 2.58 -24.89
C ALA A 682 -12.61 3.97 -24.91
N ASP A 683 -12.88 4.54 -23.74
CA ASP A 683 -13.60 5.80 -23.71
C ASP A 683 -12.68 7.02 -23.76
N ARG A 684 -11.62 7.03 -22.96
CA ARG A 684 -10.89 8.26 -22.69
C ARG A 684 -9.80 8.59 -23.70
N MET A 685 -9.61 7.78 -24.74
CA MET A 685 -8.65 8.13 -25.78
C MET A 685 -9.12 7.58 -27.11
N ARG A 686 -8.48 8.05 -28.17
CA ARG A 686 -8.87 7.73 -29.55
C ARG A 686 -8.05 6.56 -30.07
N LEU A 687 -8.74 5.56 -30.62
CA LEU A 687 -8.10 4.39 -31.22
C LEU A 687 -8.64 4.24 -32.64
N THR A 688 -7.77 4.46 -33.63
CA THR A 688 -8.19 4.45 -35.03
C THR A 688 -8.28 3.00 -35.52
N GLY A 689 -9.35 2.33 -35.09
CA GLY A 689 -9.63 0.97 -35.49
C GLY A 689 -10.76 0.88 -36.48
N LYS A 690 -11.36 -0.31 -36.56
CA LYS A 690 -12.47 -0.57 -37.46
C LYS A 690 -13.75 -0.91 -36.72
N GLY A 691 -13.71 -1.84 -35.79
CA GLY A 691 -14.88 -2.23 -35.03
C GLY A 691 -15.23 -1.24 -33.93
N LYS A 692 -15.92 -1.73 -32.92
CA LYS A 692 -16.32 -0.93 -31.77
C LYS A 692 -15.64 -1.35 -30.47
N LYS A 693 -15.35 -2.64 -30.32
CA LYS A 693 -14.59 -3.13 -29.17
C LYS A 693 -13.11 -3.21 -29.53
N ARG A 694 -12.50 -2.04 -29.67
CA ARG A 694 -11.12 -1.96 -30.14
C ARG A 694 -10.13 -1.97 -28.97
N VAL A 695 -10.33 -2.90 -28.04
CA VAL A 695 -9.39 -3.21 -26.98
C VAL A 695 -9.57 -4.69 -26.66
N PHE A 696 -8.51 -5.47 -26.83
CA PHE A 696 -8.58 -6.93 -26.71
C PHE A 696 -7.67 -7.39 -25.58
N ALA A 697 -8.25 -7.61 -24.39
CA ALA A 697 -7.52 -8.18 -23.28
C ALA A 697 -7.48 -9.69 -23.43
N SER A 698 -6.29 -10.25 -23.66
CA SER A 698 -6.16 -11.65 -23.96
C SER A 698 -5.97 -12.47 -22.68
N ASN A 699 -6.07 -13.79 -22.83
CA ASN A 699 -5.90 -14.71 -21.73
C ASN A 699 -4.43 -15.11 -21.60
N GLY A 700 -4.15 -16.00 -20.65
CA GLY A 700 -2.79 -16.46 -20.45
C GLY A 700 -2.47 -17.76 -21.17
N GLN A 701 -3.40 -18.72 -21.12
CA GLN A 701 -3.17 -20.00 -21.76
C GLN A 701 -3.06 -19.85 -23.28
N ILE A 702 -3.81 -18.92 -23.85
CA ILE A 702 -3.75 -18.71 -25.30
C ILE A 702 -2.38 -18.16 -25.69
N THR A 703 -1.80 -17.29 -24.87
CA THR A 703 -0.48 -16.74 -25.16
C THR A 703 0.58 -17.84 -25.16
N ASN A 704 0.55 -18.72 -24.15
CA ASN A 704 1.48 -19.85 -24.11
C ASN A 704 1.27 -20.79 -25.28
N LEU A 705 0.01 -21.04 -25.65
CA LEU A 705 -0.25 -21.89 -26.81
C LEU A 705 0.35 -21.29 -28.07
N LEU A 706 0.16 -19.98 -28.27
CA LEU A 706 0.70 -19.33 -29.47
C LEU A 706 2.22 -19.35 -29.48
N ARG A 707 2.85 -19.05 -28.33
CA ARG A 707 4.30 -19.04 -28.27
C ARG A 707 4.87 -20.43 -28.52
N GLY A 708 4.22 -21.47 -27.98
CA GLY A 708 4.68 -22.82 -28.24
C GLY A 708 4.51 -23.23 -29.70
N PHE A 709 3.37 -22.87 -30.30
CA PHE A 709 3.11 -23.25 -31.69
C PHE A 709 4.08 -22.55 -32.64
N TRP A 710 4.36 -21.27 -32.40
CA TRP A 710 5.12 -20.47 -33.37
C TRP A 710 6.63 -20.55 -33.16
N GLY A 711 7.10 -21.31 -32.18
CA GLY A 711 8.53 -21.53 -32.06
C GLY A 711 9.18 -20.93 -30.83
N LEU A 712 8.72 -19.75 -30.40
CA LEU A 712 9.33 -19.07 -29.28
C LEU A 712 9.14 -19.86 -28.00
N ARG A 713 10.24 -20.29 -27.39
CA ARG A 713 10.20 -21.08 -26.18
C ARG A 713 9.60 -20.28 -25.01
N ASN A 719 17.80 -13.18 -16.91
CA ASN A 719 17.67 -12.05 -17.81
C ASN A 719 16.37 -11.30 -17.57
N ASP A 720 16.30 -10.07 -18.07
CA ASP A 720 15.12 -9.21 -17.92
C ASP A 720 14.72 -8.62 -19.26
N ARG A 721 14.74 -9.44 -20.32
CA ARG A 721 14.36 -9.01 -21.65
C ARG A 721 13.25 -9.85 -22.26
N HIS A 722 12.83 -10.94 -21.61
CA HIS A 722 11.79 -11.80 -22.16
C HIS A 722 10.41 -11.16 -22.11
N HIS A 723 10.25 -10.02 -21.44
CA HIS A 723 8.95 -9.37 -21.36
C HIS A 723 8.45 -8.97 -22.74
N ALA A 724 9.36 -8.51 -23.61
CA ALA A 724 8.97 -8.13 -24.96
C ALA A 724 8.51 -9.32 -25.79
N LEU A 725 8.94 -10.54 -25.44
CA LEU A 725 8.52 -11.72 -26.19
C LEU A 725 7.02 -11.94 -26.07
N ASP A 726 6.50 -11.89 -24.85
CA ASP A 726 5.05 -12.00 -24.66
C ASP A 726 4.32 -10.81 -25.25
N ALA A 727 4.97 -9.64 -25.29
CA ALA A 727 4.36 -8.48 -25.94
C ALA A 727 4.17 -8.72 -27.43
N VAL A 728 5.18 -9.30 -28.09
CA VAL A 728 5.05 -9.60 -29.52
C VAL A 728 4.06 -10.73 -29.75
N VAL A 729 4.07 -11.74 -28.88
CA VAL A 729 3.10 -12.83 -29.01
C VAL A 729 1.69 -12.29 -28.89
N VAL A 730 1.48 -11.32 -27.99
CA VAL A 730 0.16 -10.78 -27.72
C VAL A 730 -0.37 -9.87 -28.82
N ALA A 731 0.49 -9.12 -29.51
CA ALA A 731 0.03 -8.17 -30.50
C ALA A 731 -0.17 -8.79 -31.87
N CYS A 732 0.12 -10.08 -32.02
CA CYS A 732 -0.12 -10.80 -33.27
C CYS A 732 -1.34 -11.70 -33.19
N SER A 733 -2.02 -11.74 -32.05
CA SER A 733 -3.19 -12.60 -31.85
C SER A 733 -4.47 -11.88 -32.27
N THR A 734 -4.49 -11.47 -33.53
CA THR A 734 -5.66 -10.81 -34.10
C THR A 734 -6.75 -11.84 -34.40
N VAL A 735 -7.95 -11.33 -34.70
CA VAL A 735 -9.07 -12.22 -34.98
C VAL A 735 -8.86 -12.97 -36.28
N ALA A 736 -8.08 -12.41 -37.22
CA ALA A 736 -7.78 -13.13 -38.45
C ALA A 736 -6.90 -14.34 -38.19
N MET A 737 -5.90 -14.20 -37.32
CA MET A 737 -5.10 -15.34 -36.91
C MET A 737 -5.95 -16.38 -36.20
N GLN A 738 -6.91 -15.94 -35.39
CA GLN A 738 -7.83 -16.88 -34.75
C GLN A 738 -8.65 -17.63 -35.80
N GLN A 739 -9.11 -16.92 -36.84
CA GLN A 739 -9.87 -17.57 -37.91
C GLN A 739 -9.02 -18.62 -38.61
N LYS A 740 -7.79 -18.27 -38.95
CA LYS A 740 -6.92 -19.22 -39.65
C LYS A 740 -6.59 -20.42 -38.75
N ILE A 741 -6.37 -20.18 -37.46
CA ILE A 741 -6.10 -21.26 -36.53
C ILE A 741 -7.30 -22.20 -36.43
N THR A 742 -8.50 -21.63 -36.35
CA THR A 742 -9.71 -22.45 -36.30
C THR A 742 -9.86 -23.28 -37.57
N ARG A 743 -9.62 -22.68 -38.73
CA ARG A 743 -9.70 -23.43 -39.98
C ARG A 743 -8.69 -24.57 -39.99
N PHE A 744 -7.45 -24.31 -39.57
CA PHE A 744 -6.42 -25.33 -39.59
C PHE A 744 -6.77 -26.48 -38.64
N VAL A 745 -7.20 -26.16 -37.42
CA VAL A 745 -7.48 -27.22 -36.45
C VAL A 745 -8.72 -28.01 -36.88
N ARG A 746 -9.73 -27.33 -37.45
CA ARG A 746 -10.91 -28.04 -37.92
C ARG A 746 -10.57 -28.98 -39.07
N TYR A 747 -9.71 -28.53 -39.99
CA TYR A 747 -9.29 -29.39 -41.08
C TYR A 747 -8.48 -30.58 -40.58
N LYS A 748 -7.61 -30.36 -39.59
CA LYS A 748 -6.80 -31.45 -39.06
C LYS A 748 -7.53 -32.28 -38.01
N GLU A 749 -8.69 -31.82 -37.53
CA GLU A 749 -9.45 -32.61 -36.56
C GLU A 749 -10.15 -33.79 -37.19
N MET A 750 -10.45 -33.72 -38.49
CA MET A 750 -11.11 -34.80 -39.20
C MET A 750 -10.13 -35.81 -39.78
N ASN A 751 -8.84 -35.64 -39.54
CA ASN A 751 -7.80 -36.45 -40.18
C ASN A 751 -7.93 -36.37 -41.70
N ALA A 752 -8.21 -35.17 -42.20
CA ALA A 752 -8.44 -34.93 -43.61
C ALA A 752 -7.19 -34.45 -44.34
N PHE A 753 -6.02 -34.58 -43.72
CA PHE A 753 -4.76 -34.19 -44.35
C PHE A 753 -4.22 -35.32 -45.21
N ASP A 754 -5.05 -35.77 -46.14
CA ASP A 754 -4.70 -36.87 -47.04
C ASP A 754 -3.70 -36.40 -48.09
N THR A 770 2.10 -30.29 -42.85
CA THR A 770 2.03 -28.84 -42.69
C THR A 770 1.96 -28.46 -41.22
N HIS A 771 2.65 -27.38 -40.86
CA HIS A 771 2.66 -26.89 -39.49
C HIS A 771 1.50 -25.92 -39.28
N PHE A 772 1.38 -25.43 -38.05
CA PHE A 772 0.33 -24.48 -37.73
C PHE A 772 0.57 -23.16 -38.45
N PRO A 773 -0.51 -22.44 -38.79
CA PRO A 773 -0.34 -21.14 -39.46
C PRO A 773 0.45 -20.16 -38.59
N GLN A 774 1.27 -19.35 -39.24
CA GLN A 774 2.14 -18.40 -38.57
C GLN A 774 1.92 -17.01 -39.14
N PRO A 775 2.17 -15.96 -38.34
CA PRO A 775 1.99 -14.59 -38.85
C PRO A 775 2.82 -14.31 -40.09
N TRP A 776 4.05 -14.81 -40.14
CA TRP A 776 4.88 -14.66 -41.33
C TRP A 776 5.92 -15.76 -41.32
N GLU A 777 6.49 -16.04 -42.49
CA GLU A 777 7.56 -17.01 -42.59
C GLU A 777 8.81 -16.48 -41.89
N PHE A 778 9.55 -17.39 -41.24
CA PHE A 778 10.72 -17.04 -40.43
C PHE A 778 10.31 -16.12 -39.28
N PHE A 779 9.42 -16.63 -38.44
CA PHE A 779 8.94 -15.88 -37.28
C PHE A 779 9.80 -16.12 -36.04
N ALA A 780 10.12 -17.38 -35.76
CA ALA A 780 10.89 -17.70 -34.56
C ALA A 780 12.32 -17.20 -34.63
N GLN A 781 12.82 -16.87 -35.82
CA GLN A 781 14.19 -16.39 -35.97
C GLN A 781 14.27 -14.87 -35.86
N GLU A 782 13.40 -14.16 -36.58
CA GLU A 782 13.44 -12.70 -36.57
C GLU A 782 13.17 -12.14 -35.19
N VAL A 783 12.19 -12.71 -34.48
CA VAL A 783 11.85 -12.21 -33.14
C VAL A 783 13.03 -12.41 -32.20
N MET A 784 13.64 -13.60 -32.23
CA MET A 784 14.78 -13.87 -31.36
C MET A 784 15.95 -12.94 -31.69
N ILE A 785 16.21 -12.69 -32.97
CA ILE A 785 17.30 -11.80 -33.36
C ILE A 785 17.02 -10.38 -32.88
N ARG A 786 15.78 -9.92 -33.02
CA ARG A 786 15.43 -8.57 -32.60
C ARG A 786 15.52 -8.42 -31.09
N VAL A 787 15.13 -9.45 -30.34
CA VAL A 787 15.12 -9.35 -28.88
C VAL A 787 16.52 -9.52 -28.31
N PHE A 788 17.12 -10.68 -28.49
CA PHE A 788 18.36 -11.01 -27.82
C PHE A 788 19.61 -10.68 -28.64
N GLY A 789 19.46 -10.35 -29.92
CA GLY A 789 20.62 -10.07 -30.74
C GLY A 789 21.50 -11.27 -31.03
N LYS A 790 21.03 -12.47 -30.71
CA LYS A 790 21.79 -13.71 -30.88
C LYS A 790 20.92 -14.72 -31.61
N PRO A 791 21.53 -15.71 -32.24
CA PRO A 791 20.74 -16.80 -32.84
C PRO A 791 19.97 -17.58 -31.78
N ASP A 792 18.98 -18.32 -32.25
CA ASP A 792 18.06 -19.01 -31.34
C ASP A 792 18.78 -20.06 -30.51
N GLY A 793 18.54 -20.04 -29.21
CA GLY A 793 19.07 -21.06 -28.31
C GLY A 793 20.58 -21.20 -28.29
N LYS A 794 21.29 -20.07 -28.33
CA LYS A 794 22.75 -20.06 -28.29
C LYS A 794 23.20 -19.04 -27.23
N PRO A 795 23.22 -19.45 -25.96
CA PRO A 795 23.70 -18.53 -24.90
C PRO A 795 25.20 -18.27 -24.93
N GLU A 796 25.96 -18.95 -25.80
CA GLU A 796 27.39 -18.74 -25.91
C GLU A 796 27.77 -17.85 -27.08
N PHE A 797 26.81 -17.41 -27.88
CA PHE A 797 27.09 -16.54 -29.02
C PHE A 797 27.34 -15.12 -28.55
N GLU A 798 28.01 -14.35 -29.41
CA GLU A 798 28.26 -12.94 -29.14
C GLU A 798 26.97 -12.14 -29.31
N GLU A 799 26.92 -10.98 -28.64
CA GLU A 799 25.74 -10.14 -28.63
C GLU A 799 26.01 -8.87 -29.42
N ALA A 800 25.03 -8.46 -30.21
CA ALA A 800 25.11 -7.28 -31.05
C ALA A 800 24.41 -6.12 -30.36
N ASP A 801 25.16 -5.07 -30.05
CA ASP A 801 24.64 -3.91 -29.34
C ASP A 801 24.89 -2.63 -30.15
N THR A 802 24.71 -2.72 -31.46
CA THR A 802 24.88 -1.58 -32.34
C THR A 802 23.96 -1.75 -33.53
N LEU A 803 23.59 -0.63 -34.15
CA LEU A 803 22.72 -0.68 -35.32
C LEU A 803 23.36 -1.48 -36.45
N GLU A 804 24.64 -1.25 -36.72
CA GLU A 804 25.31 -1.93 -37.82
C GLU A 804 25.39 -3.43 -37.59
N LYS A 805 25.75 -3.85 -36.37
CA LYS A 805 25.90 -5.28 -36.10
C LYS A 805 24.57 -6.01 -36.19
N LEU A 806 23.53 -5.44 -35.60
CA LEU A 806 22.21 -6.06 -35.68
C LEU A 806 21.71 -6.10 -37.12
N ARG A 807 21.94 -5.02 -37.87
CA ARG A 807 21.48 -4.97 -39.25
C ARG A 807 22.19 -6.02 -40.12
N THR A 808 23.50 -6.17 -39.96
CA THR A 808 24.20 -7.16 -40.77
C THR A 808 23.86 -8.58 -40.32
N LEU A 809 23.61 -8.80 -39.02
CA LEU A 809 23.16 -10.11 -38.58
C LEU A 809 21.81 -10.46 -39.18
N LEU A 810 20.88 -9.50 -39.21
CA LEU A 810 19.59 -9.72 -39.84
C LEU A 810 19.74 -9.99 -41.33
N ALA A 811 20.60 -9.23 -42.00
CA ALA A 811 20.77 -9.41 -43.45
C ALA A 811 21.44 -10.74 -43.78
N GLU A 812 22.28 -11.26 -42.88
CA GLU A 812 23.00 -12.51 -43.12
C GLU A 812 22.16 -13.73 -42.79
N LYS A 813 21.52 -13.74 -41.61
CA LYS A 813 20.77 -14.91 -41.19
C LYS A 813 19.35 -14.95 -41.77
N LEU A 814 18.86 -13.86 -42.33
CA LEU A 814 17.52 -13.77 -42.88
C LEU A 814 17.54 -13.10 -44.25
N SER A 815 18.46 -13.54 -45.11
CA SER A 815 18.60 -12.94 -46.43
C SER A 815 17.38 -13.18 -47.31
N SER A 816 16.53 -14.14 -46.98
CA SER A 816 15.34 -14.44 -47.77
C SER A 816 14.16 -13.56 -47.40
N ARG A 817 14.29 -12.72 -46.38
CA ARG A 817 13.20 -11.84 -45.95
C ARG A 817 13.62 -10.39 -46.11
N PRO A 818 13.22 -9.73 -47.21
CA PRO A 818 13.59 -8.32 -47.40
C PRO A 818 12.95 -7.37 -46.41
N GLU A 819 11.91 -7.80 -45.68
CA GLU A 819 11.23 -6.96 -44.72
C GLU A 819 11.84 -7.03 -43.32
N ALA A 820 12.91 -7.80 -43.15
CA ALA A 820 13.56 -7.93 -41.85
C ALA A 820 14.31 -6.68 -41.43
N VAL A 821 14.54 -5.74 -42.35
CA VAL A 821 15.25 -4.50 -42.07
C VAL A 821 14.35 -3.33 -42.41
N HIS A 822 14.41 -2.28 -41.59
CA HIS A 822 13.63 -1.07 -41.82
C HIS A 822 14.32 0.08 -41.09
N GLU A 823 13.83 1.28 -41.32
CA GLU A 823 14.45 2.46 -40.73
C GLU A 823 14.17 2.60 -39.22
N TYR A 824 13.54 1.63 -38.56
CA TYR A 824 13.23 1.73 -37.13
C TYR A 824 13.79 0.56 -36.34
N VAL A 825 14.86 -0.07 -36.82
CA VAL A 825 15.49 -1.17 -36.12
C VAL A 825 16.61 -0.64 -35.24
N THR A 826 16.61 -1.03 -33.97
CA THR A 826 17.60 -0.59 -33.00
C THR A 826 17.71 -1.69 -31.95
N PRO A 827 18.92 -2.04 -31.53
CA PRO A 827 19.06 -3.04 -30.46
C PRO A 827 18.34 -2.60 -29.20
N LEU A 828 17.70 -3.55 -28.54
CA LEU A 828 16.87 -3.25 -27.38
C LEU A 828 17.74 -2.73 -26.23
N PHE A 829 17.25 -1.69 -25.56
CA PHE A 829 17.90 -1.12 -24.38
C PHE A 829 16.87 -1.02 -23.27
N VAL A 830 17.10 -1.77 -22.19
CA VAL A 830 16.19 -1.75 -21.05
C VAL A 830 16.27 -0.40 -20.35
N SER A 831 15.10 0.16 -20.03
CA SER A 831 15.01 1.45 -19.36
C SER A 831 14.54 1.26 -17.92
N ARG A 832 15.10 2.05 -17.02
CA ARG A 832 14.79 1.97 -15.60
C ARG A 832 14.23 3.30 -15.11
N ALA A 833 13.33 3.22 -14.15
CA ALA A 833 12.67 4.41 -13.63
C ALA A 833 13.63 5.24 -12.78
N PRO A 834 13.84 6.51 -13.09
CA PRO A 834 14.74 7.33 -12.27
C PRO A 834 14.13 7.65 -10.91
N ASN A 835 15.02 7.95 -9.97
CA ASN A 835 14.63 8.33 -8.60
C ASN A 835 15.55 9.47 -8.17
N ARG A 836 15.09 10.71 -8.34
CA ARG A 836 15.89 11.89 -8.08
C ARG A 836 15.37 12.68 -6.88
N LYS A 837 14.70 12.02 -5.94
CA LYS A 837 14.26 12.69 -4.73
C LYS A 837 15.46 13.02 -3.85
N MET A 838 15.47 14.23 -3.29
CA MET A 838 16.49 14.64 -2.34
C MET A 838 16.01 14.56 -0.90
N SER A 839 14.81 14.02 -0.68
CA SER A 839 14.28 13.81 0.66
C SER A 839 14.48 12.36 1.08
N GLY A 840 14.32 12.11 2.36
CA GLY A 840 14.50 10.78 2.90
C GLY A 840 14.95 10.85 4.35
N GLN A 841 15.45 9.72 4.84
CA GLN A 841 15.87 9.60 6.22
C GLN A 841 17.07 10.51 6.50
N GLY A 842 17.14 11.00 7.74
CA GLY A 842 18.23 11.87 8.14
C GLY A 842 19.41 11.12 8.73
N HIS A 843 19.11 10.03 9.42
CA HIS A 843 20.14 9.18 10.03
C HIS A 843 19.48 7.88 10.49
N MET A 844 20.30 6.96 10.97
CA MET A 844 19.79 5.71 11.49
C MET A 844 19.00 5.97 12.78
N GLU A 845 18.16 4.99 13.13
CA GLU A 845 17.31 5.13 14.30
C GLU A 845 18.15 5.23 15.59
N THR A 846 19.18 4.40 15.70
CA THR A 846 20.02 4.42 16.89
C THR A 846 20.91 5.65 16.92
N VAL A 847 21.23 6.09 18.14
CA VAL A 847 22.15 7.20 18.36
C VAL A 847 23.19 6.76 19.38
N LYS A 848 24.35 7.41 19.34
CA LYS A 848 25.51 7.00 20.12
C LYS A 848 26.08 8.19 20.89
N SER A 849 26.74 7.88 22.00
CA SER A 849 27.43 8.90 22.76
C SER A 849 28.59 9.48 21.96
N ALA A 850 28.83 10.78 22.11
CA ALA A 850 29.87 11.47 21.36
C ALA A 850 30.94 12.07 22.26
N LYS A 851 31.11 11.53 23.47
CA LYS A 851 32.16 12.02 24.35
C LYS A 851 33.55 11.72 23.78
N ARG A 852 33.78 10.47 23.39
CA ARG A 852 35.06 10.06 22.81
C ARG A 852 35.03 10.14 21.29
N LEU A 853 34.64 11.30 20.75
CA LEU A 853 34.56 11.48 19.31
C LEU A 853 35.83 12.04 18.70
N ASP A 854 36.80 12.43 19.53
CA ASP A 854 38.10 12.86 18.98
C ASP A 854 38.78 11.71 18.26
N GLU A 855 38.71 10.51 18.82
CA GLU A 855 39.18 9.31 18.15
C GLU A 855 38.04 8.72 17.33
N GLY A 856 38.23 7.53 16.78
CA GLY A 856 37.16 6.82 16.11
C GLY A 856 36.40 5.94 17.07
N VAL A 857 35.70 6.57 18.02
CA VAL A 857 35.07 5.85 19.12
C VAL A 857 33.65 6.37 19.32
N SER A 858 32.74 5.46 19.65
CA SER A 858 31.37 5.82 19.99
C SER A 858 30.78 4.71 20.86
N VAL A 859 30.11 5.10 21.93
CA VAL A 859 29.60 4.15 22.91
C VAL A 859 28.12 3.91 22.67
N LEU A 860 27.71 2.64 22.66
CA LEU A 860 26.31 2.29 22.47
C LEU A 860 25.93 1.20 23.47
N ARG A 861 24.80 1.39 24.16
CA ARG A 861 24.31 0.41 25.12
C ARG A 861 23.52 -0.66 24.37
N VAL A 862 24.01 -1.90 24.43
CA VAL A 862 23.32 -3.03 23.82
C VAL A 862 22.89 -4.00 24.91
N PRO A 863 21.73 -4.64 24.77
CA PRO A 863 21.34 -5.69 25.72
C PRO A 863 22.23 -6.93 25.57
N LEU A 864 22.28 -7.71 26.65
CA LEU A 864 23.07 -8.93 26.61
C LEU A 864 22.51 -9.92 25.59
N THR A 865 21.19 -10.02 25.48
CA THR A 865 20.57 -10.98 24.57
C THR A 865 20.88 -10.67 23.11
N GLN A 866 21.32 -9.46 22.79
CA GLN A 866 21.68 -9.10 21.43
C GLN A 866 23.17 -9.05 21.19
N LEU A 867 23.98 -8.95 22.24
CA LEU A 867 25.43 -8.88 22.08
C LEU A 867 25.99 -10.23 21.65
N LYS A 868 26.97 -10.19 20.76
CA LYS A 868 27.65 -11.38 20.26
C LYS A 868 29.14 -11.29 20.58
N LEU A 869 29.85 -12.37 20.27
CA LEU A 869 31.28 -12.44 20.56
C LEU A 869 32.09 -11.44 19.76
N LYS A 870 31.60 -11.00 18.60
CA LYS A 870 32.34 -10.03 17.79
C LYS A 870 32.44 -8.69 18.51
N ASP A 871 31.37 -8.26 19.17
CA ASP A 871 31.36 -7.00 19.89
C ASP A 871 31.84 -7.13 21.33
N LEU A 872 32.05 -8.35 21.81
CA LEU A 872 32.51 -8.54 23.18
C LEU A 872 33.94 -8.06 23.37
N GLU A 873 34.77 -8.16 22.34
CA GLU A 873 36.15 -7.68 22.40
C GLU A 873 36.25 -6.17 22.24
N LYS A 874 35.13 -5.49 21.96
CA LYS A 874 35.11 -4.04 21.82
C LYS A 874 34.37 -3.37 22.98
N MET A 875 34.23 -4.06 24.11
CA MET A 875 33.59 -3.45 25.27
C MET A 875 34.46 -2.31 25.80
N VAL A 876 33.81 -1.22 26.20
CA VAL A 876 34.54 -0.04 26.66
C VAL A 876 35.36 -0.39 27.90
N ASN A 877 34.76 -1.09 28.86
CA ASN A 877 35.43 -1.49 30.08
C ASN A 877 35.96 -2.92 29.93
N ARG A 878 37.02 -3.04 29.15
CA ARG A 878 37.65 -4.34 28.93
C ARG A 878 38.78 -4.62 29.91
N GLU A 879 39.51 -3.59 30.34
CA GLU A 879 40.64 -3.77 31.24
C GLU A 879 40.38 -3.27 32.65
N ARG A 880 39.30 -2.53 32.88
CA ARG A 880 39.03 -1.99 34.20
C ARG A 880 38.34 -2.98 35.13
N GLU A 881 37.72 -4.04 34.59
CA GLU A 881 37.21 -5.14 35.40
C GLU A 881 37.56 -6.43 34.67
N PRO A 882 38.59 -7.15 35.12
CA PRO A 882 38.98 -8.37 34.40
C PRO A 882 38.03 -9.54 34.60
N LYS A 883 37.55 -9.75 35.83
CA LYS A 883 36.73 -10.93 36.12
C LYS A 883 35.41 -10.88 35.36
N LEU A 884 34.80 -9.70 35.24
CA LEU A 884 33.53 -9.59 34.52
C LEU A 884 33.69 -9.98 33.06
N TYR A 885 34.77 -9.54 32.41
CA TYR A 885 35.02 -9.91 31.03
C TYR A 885 35.23 -11.41 30.88
N GLU A 886 35.97 -12.01 31.81
CA GLU A 886 36.19 -13.46 31.75
C GLU A 886 34.88 -14.22 31.92
N ALA A 887 34.04 -13.80 32.85
CA ALA A 887 32.75 -14.46 33.03
C ALA A 887 31.86 -14.30 31.80
N LEU A 888 31.87 -13.10 31.20
CA LEU A 888 31.09 -12.88 30.00
C LEU A 888 31.58 -13.74 28.84
N LYS A 889 32.90 -13.89 28.70
CA LYS A 889 33.45 -14.78 27.70
C LYS A 889 33.06 -16.23 27.95
N ALA A 890 33.13 -16.66 29.22
CA ALA A 890 32.78 -18.04 29.55
C ALA A 890 31.32 -18.33 29.23
N ARG A 891 30.42 -17.39 29.56
CA ARG A 891 29.02 -17.57 29.21
C ARG A 891 28.82 -17.53 27.69
N LEU A 892 29.56 -16.66 27.00
CA LEU A 892 29.42 -16.56 25.54
C LEU A 892 30.04 -17.74 24.83
N GLU A 893 31.20 -18.20 25.29
CA GLU A 893 31.87 -19.34 24.66
C GLU A 893 31.41 -20.66 25.26
N ALA A 894 30.09 -20.83 25.34
CA ALA A 894 29.46 -22.07 25.77
C ALA A 894 28.51 -22.61 24.71
N HIS A 895 27.65 -21.77 24.14
CA HIS A 895 26.67 -22.18 23.14
C HIS A 895 27.06 -21.74 21.74
N LYS A 896 28.33 -21.42 21.51
CA LYS A 896 28.86 -21.07 20.19
C LYS A 896 28.13 -19.87 19.60
N ASP A 897 28.31 -18.73 20.28
CA ASP A 897 27.78 -17.44 19.85
C ASP A 897 26.26 -17.48 19.72
N ASP A 898 25.60 -18.00 20.75
CA ASP A 898 24.15 -18.01 20.83
C ASP A 898 23.74 -17.16 22.03
N PRO A 899 23.38 -15.89 21.81
CA PRO A 899 23.09 -15.00 22.95
C PRO A 899 21.71 -15.24 23.54
N ALA A 900 20.75 -15.62 22.70
CA ALA A 900 19.39 -15.83 23.18
C ALA A 900 19.34 -16.98 24.18
N LYS A 901 20.06 -18.07 23.90
CA LYS A 901 20.04 -19.24 24.77
C LYS A 901 21.07 -19.17 25.90
N ALA A 902 21.96 -18.18 25.88
CA ALA A 902 22.97 -18.06 26.93
C ALA A 902 22.56 -17.10 28.03
N PHE A 903 21.90 -16.00 27.67
CA PHE A 903 21.50 -14.97 28.62
C PHE A 903 20.03 -15.04 28.99
N ALA A 904 19.38 -16.19 28.75
CA ALA A 904 18.03 -16.39 29.23
C ALA A 904 17.96 -16.44 30.75
N GLU A 905 19.10 -16.65 31.42
CA GLU A 905 19.32 -16.65 32.86
C GLU A 905 19.92 -15.32 33.31
N PRO A 906 19.63 -14.88 34.52
CA PRO A 906 20.14 -13.58 34.97
C PRO A 906 21.66 -13.56 35.09
N PHE A 907 22.22 -12.38 34.83
CA PHE A 907 23.65 -12.13 34.99
C PHE A 907 23.89 -11.34 36.26
N TYR A 908 25.01 -11.63 36.93
CA TYR A 908 25.33 -11.00 38.21
C TYR A 908 26.81 -10.69 38.24
N LYS A 909 27.16 -9.43 38.49
CA LYS A 909 28.56 -9.05 38.69
C LYS A 909 29.02 -9.60 40.04
N TYR A 910 29.76 -10.69 40.01
CA TYR A 910 30.20 -11.33 41.25
C TYR A 910 31.23 -10.45 41.95
N ASP A 911 31.01 -10.21 43.24
CA ASP A 911 31.92 -9.38 44.02
C ASP A 911 33.24 -10.11 44.24
N LYS A 912 34.28 -9.34 44.52
CA LYS A 912 35.58 -9.91 44.82
C LYS A 912 35.47 -10.86 46.01
N ALA A 913 36.13 -12.02 45.88
CA ALA A 913 36.17 -13.04 46.93
C ALA A 913 34.78 -13.63 47.21
N GLY A 914 33.89 -13.61 46.22
CA GLY A 914 32.62 -14.31 46.33
C GLY A 914 31.40 -13.42 46.29
N ASN A 915 30.25 -13.99 46.68
CA ASN A 915 28.96 -13.30 46.75
C ASN A 915 28.49 -12.84 45.36
N ARG A 916 27.38 -12.10 45.32
CA ARG A 916 26.77 -11.64 44.08
C ARG A 916 26.46 -10.15 44.20
N THR A 917 25.98 -9.57 43.11
CA THR A 917 25.56 -8.18 43.09
C THR A 917 24.44 -8.03 42.06
N GLN A 918 24.16 -6.80 41.67
CA GLN A 918 22.98 -6.46 40.88
C GLN A 918 23.20 -6.77 39.40
N GLN A 919 22.09 -6.95 38.69
CA GLN A 919 22.10 -7.55 37.36
C GLN A 919 22.86 -6.69 36.34
N VAL A 920 23.10 -7.28 35.18
CA VAL A 920 23.95 -6.71 34.13
C VAL A 920 23.13 -6.58 32.85
N LYS A 921 21.83 -6.32 32.99
CA LYS A 921 20.85 -6.41 31.91
C LYS A 921 21.32 -5.83 30.57
N ALA A 922 22.18 -4.81 30.59
CA ALA A 922 22.69 -4.25 29.35
C ALA A 922 24.11 -3.75 29.59
N VAL A 923 24.89 -3.70 28.52
CA VAL A 923 26.29 -3.28 28.58
C VAL A 923 26.56 -2.33 27.43
N ARG A 924 27.30 -1.26 27.70
CA ARG A 924 27.67 -0.31 26.66
C ARG A 924 29.00 -0.72 26.05
N VAL A 925 29.00 -0.94 24.74
CA VAL A 925 30.20 -1.34 24.01
C VAL A 925 30.68 -0.18 23.15
N GLU A 926 31.87 -0.35 22.59
CA GLU A 926 32.57 0.69 21.84
C GLU A 926 32.62 0.29 20.37
N GLN A 927 32.30 1.22 19.49
CA GLN A 927 32.31 0.99 18.05
C GLN A 927 33.08 2.10 17.36
N VAL A 928 33.61 1.78 16.17
CA VAL A 928 34.35 2.77 15.40
C VAL A 928 33.39 3.82 14.87
N GLN A 929 33.87 5.07 14.81
CA GLN A 929 33.04 6.17 14.32
C GLN A 929 33.98 7.26 13.79
N LYS A 930 34.13 7.32 12.47
CA LYS A 930 34.93 8.36 11.84
C LYS A 930 34.12 9.60 11.50
N THR A 931 32.82 9.47 11.33
CA THR A 931 31.96 10.60 11.01
C THR A 931 30.53 10.25 11.38
N GLY A 932 29.69 11.27 11.48
CA GLY A 932 28.31 11.06 11.85
C GLY A 932 27.52 12.35 11.82
N VAL A 933 26.32 12.29 12.37
CA VAL A 933 25.40 13.42 12.42
C VAL A 933 25.11 13.75 13.88
N TRP A 934 25.24 15.03 14.21
CA TRP A 934 24.95 15.50 15.57
C TRP A 934 23.45 15.67 15.74
N VAL A 935 22.88 14.99 16.73
CA VAL A 935 21.45 15.05 17.03
C VAL A 935 21.26 15.09 18.54
N ARG A 936 19.99 15.19 18.96
CA ARG A 936 19.62 15.34 20.36
C ARG A 936 20.27 16.56 20.99
N ASN A 937 20.31 17.66 20.23
CA ASN A 937 20.84 18.94 20.68
C ASN A 937 22.31 18.82 21.09
N HIS A 938 23.12 18.35 20.13
CA HIS A 938 24.57 18.19 20.32
C HIS A 938 24.89 17.27 21.50
N ASN A 939 24.04 16.27 21.74
CA ASN A 939 24.28 15.29 22.78
C ASN A 939 24.42 13.87 22.27
N GLY A 940 24.18 13.62 20.99
CA GLY A 940 24.31 12.29 20.44
C GLY A 940 24.83 12.32 19.03
N ILE A 941 25.52 11.25 18.65
CA ILE A 941 26.06 11.07 17.31
C ILE A 941 25.36 9.89 16.66
N ALA A 942 25.00 10.04 15.39
CA ALA A 942 24.26 9.01 14.67
C ALA A 942 24.97 8.68 13.37
N ASP A 943 24.75 7.46 12.89
CA ASP A 943 25.34 7.02 11.63
C ASP A 943 24.72 7.79 10.47
N ASN A 944 25.51 7.94 9.41
CA ASN A 944 25.06 8.69 8.24
C ASN A 944 23.89 7.98 7.56
N ALA A 945 23.05 8.79 6.91
CA ALA A 945 21.87 8.27 6.24
C ALA A 945 22.23 7.73 4.86
N THR A 946 21.22 7.36 4.08
CA THR A 946 21.44 6.88 2.73
C THR A 946 21.92 8.02 1.85
N MET A 947 22.89 7.72 0.98
CA MET A 947 23.44 8.73 0.09
C MET A 947 22.37 9.25 -0.85
N VAL A 948 22.30 10.58 -1.00
CA VAL A 948 21.27 11.20 -1.83
C VAL A 948 21.84 11.95 -3.02
N ARG A 949 23.11 12.32 -3.04
CA ARG A 949 23.66 12.99 -4.20
C ARG A 949 25.17 12.80 -4.24
N VAL A 950 25.72 12.80 -5.45
CA VAL A 950 27.16 12.81 -5.66
C VAL A 950 27.49 13.94 -6.62
N ASP A 951 28.55 14.68 -6.34
CA ASP A 951 29.03 15.74 -7.23
C ASP A 951 30.36 15.31 -7.82
N VAL A 952 30.49 15.44 -9.14
CA VAL A 952 31.68 14.99 -9.85
C VAL A 952 32.50 16.22 -10.25
N PHE A 953 33.75 16.25 -9.82
CA PHE A 953 34.68 17.31 -10.18
C PHE A 953 35.86 16.73 -10.95
N GLU A 954 36.43 17.52 -11.85
CA GLU A 954 37.54 17.07 -12.67
C GLU A 954 38.71 18.05 -12.57
N LYS A 955 39.90 17.52 -12.30
CA LYS A 955 41.11 18.31 -12.33
C LYS A 955 42.29 17.38 -12.63
N GLY A 956 43.20 17.86 -13.49
CA GLY A 956 44.38 17.08 -13.83
C GLY A 956 44.08 15.71 -14.39
N ASP A 957 43.04 15.62 -15.23
CA ASP A 957 42.59 14.34 -15.79
C ASP A 957 42.28 13.33 -14.69
N LYS A 958 41.79 13.82 -13.56
CA LYS A 958 41.40 12.99 -12.43
C LYS A 958 40.02 13.44 -11.94
N TYR A 959 39.25 12.48 -11.46
CA TYR A 959 37.87 12.72 -11.06
C TYR A 959 37.70 12.53 -9.55
N TYR A 960 36.99 13.46 -8.92
CA TYR A 960 36.74 13.46 -7.49
C TYR A 960 35.24 13.47 -7.23
N LEU A 961 34.83 12.73 -6.20
CA LEU A 961 33.42 12.61 -5.83
C LEU A 961 33.17 13.28 -4.50
N VAL A 962 32.18 14.16 -4.45
CA VAL A 962 31.75 14.85 -3.25
C VAL A 962 30.39 14.29 -2.84
N PRO A 963 30.29 13.56 -1.73
CA PRO A 963 28.98 13.02 -1.32
C PRO A 963 28.14 14.06 -0.63
N ILE A 964 26.83 14.02 -0.89
CA ILE A 964 25.85 14.90 -0.28
C ILE A 964 24.75 14.03 0.31
N TYR A 965 24.51 14.17 1.61
CA TYR A 965 23.51 13.38 2.32
C TYR A 965 22.24 14.21 2.51
N SER A 966 21.25 13.60 3.17
CA SER A 966 19.97 14.27 3.36
C SER A 966 20.05 15.37 4.42
N TRP A 967 20.78 15.11 5.51
CA TRP A 967 20.85 16.11 6.58
C TRP A 967 21.61 17.35 6.13
N GLN A 968 22.62 17.20 5.27
CA GLN A 968 23.30 18.36 4.72
C GLN A 968 22.36 19.18 3.84
N VAL A 969 21.48 18.50 3.11
CA VAL A 969 20.46 19.21 2.33
C VAL A 969 19.52 19.96 3.25
N ALA A 970 19.09 19.32 4.35
CA ALA A 970 18.17 19.96 5.28
C ALA A 970 18.78 21.20 5.91
N LYS A 971 20.00 21.08 6.45
CA LYS A 971 20.66 22.22 7.04
C LYS A 971 21.18 23.21 6.00
N GLY A 972 21.25 22.81 4.74
CA GLY A 972 21.72 23.71 3.69
C GLY A 972 23.21 23.86 3.58
N ILE A 973 23.98 23.00 4.25
CA ILE A 973 25.43 23.09 4.25
C ILE A 973 25.94 22.15 3.16
N LEU A 974 26.19 22.71 1.97
CA LEU A 974 26.76 21.91 0.90
C LEU A 974 28.22 21.56 1.21
N PRO A 975 28.64 20.34 0.92
CA PRO A 975 29.98 19.90 1.33
C PRO A 975 31.07 20.49 0.43
N ASP A 976 32.31 20.33 0.89
CA ASP A 976 33.48 20.84 0.19
C ASP A 976 34.64 19.85 0.13
N ARG A 977 34.47 18.64 0.66
CA ARG A 977 35.54 17.65 0.73
C ARG A 977 35.24 16.48 -0.18
N ALA A 978 36.15 16.19 -1.10
CA ALA A 978 36.02 15.05 -2.00
C ALA A 978 36.66 13.81 -1.39
N VAL A 979 36.07 12.65 -1.68
CA VAL A 979 36.50 11.40 -1.05
C VAL A 979 37.87 11.01 -1.56
N VAL A 980 38.76 10.67 -0.64
CA VAL A 980 40.08 10.14 -0.95
C VAL A 980 40.20 8.77 -0.28
N GLN A 981 40.59 7.76 -1.06
CA GLN A 981 40.63 6.40 -0.55
C GLN A 981 41.62 6.28 0.61
N GLY A 982 41.19 5.61 1.68
CA GLY A 982 42.05 5.40 2.82
C GLY A 982 41.91 6.44 3.91
N LYS A 983 42.26 7.68 3.59
CA LYS A 983 42.23 8.75 4.58
C LYS A 983 40.80 9.08 4.99
N ASP A 984 40.64 9.53 6.23
CA ASP A 984 39.35 9.89 6.77
C ASP A 984 38.93 11.28 6.26
N GLU A 985 37.76 11.74 6.71
CA GLU A 985 37.19 12.97 6.18
C GLU A 985 38.09 14.17 6.42
N GLU A 986 38.77 14.21 7.57
CA GLU A 986 39.63 15.35 7.89
C GLU A 986 40.78 15.51 6.92
N ASP A 987 41.17 14.44 6.21
CA ASP A 987 42.25 14.49 5.24
C ASP A 987 41.75 14.45 3.81
N TRP A 988 40.45 14.65 3.60
CA TRP A 988 39.89 14.65 2.25
C TRP A 988 40.34 15.88 1.47
N GLN A 989 40.38 15.74 0.16
CA GLN A 989 40.82 16.81 -0.73
C GLN A 989 39.78 17.92 -0.75
N LEU A 990 40.17 19.10 -0.26
CA LEU A 990 39.25 20.23 -0.21
C LEU A 990 39.00 20.79 -1.61
N ILE A 991 37.77 21.24 -1.83
CA ILE A 991 37.33 21.75 -3.12
C ILE A 991 37.39 23.28 -3.09
N ASP A 992 37.93 23.87 -4.16
CA ASP A 992 38.03 25.31 -4.28
C ASP A 992 37.70 25.68 -5.71
N ASP A 993 38.00 26.92 -6.11
CA ASP A 993 37.69 27.41 -7.44
C ASP A 993 38.49 26.72 -8.53
N SER A 994 39.56 25.99 -8.17
CA SER A 994 40.39 25.32 -9.17
C SER A 994 39.83 23.99 -9.62
N PHE A 995 38.73 23.53 -9.03
CA PHE A 995 38.09 22.27 -9.40
C PHE A 995 36.88 22.57 -10.28
N ASN A 996 36.91 22.08 -11.52
CA ASN A 996 35.78 22.23 -12.42
C ASN A 996 34.68 21.25 -12.05
N PHE A 997 33.44 21.69 -12.17
CA PHE A 997 32.28 20.87 -11.85
C PHE A 997 31.66 20.34 -13.13
N LYS A 998 31.43 19.02 -13.17
CA LYS A 998 30.93 18.37 -14.37
C LYS A 998 29.43 18.05 -14.28
N PHE A 999 29.03 17.29 -13.27
CA PHE A 999 27.63 16.90 -13.15
C PHE A 999 27.36 16.37 -11.73
N SER A 1000 26.11 15.99 -11.52
CA SER A 1000 25.65 15.42 -10.25
C SER A 1000 24.94 14.10 -10.54
N LEU A 1001 25.22 13.11 -9.71
CA LEU A 1001 24.70 11.75 -9.85
C LEU A 1001 23.69 11.48 -8.75
N HIS A 1002 22.50 11.06 -9.15
CA HIS A 1002 21.43 10.53 -8.32
C HIS A 1002 21.31 9.03 -8.55
N PRO A 1003 20.69 8.30 -7.63
CA PRO A 1003 20.52 6.85 -7.85
C PRO A 1003 19.75 6.56 -9.12
N ASN A 1004 20.13 5.48 -9.80
CA ASN A 1004 19.52 5.04 -11.05
C ASN A 1004 19.64 6.13 -12.13
N ASP A 1005 20.88 6.44 -12.49
CA ASP A 1005 21.19 7.41 -13.53
C ASP A 1005 22.16 6.79 -14.53
N LEU A 1006 21.93 7.05 -15.81
CA LEU A 1006 22.70 6.42 -16.87
C LEU A 1006 24.09 7.06 -16.95
N VAL A 1007 25.13 6.25 -16.73
CA VAL A 1007 26.51 6.72 -16.76
C VAL A 1007 27.34 5.82 -17.66
N GLU A 1008 28.50 6.35 -18.06
CA GLU A 1008 29.44 5.65 -18.92
C GLU A 1008 30.86 6.05 -18.52
N VAL A 1009 31.73 5.05 -18.39
CA VAL A 1009 33.14 5.26 -18.13
C VAL A 1009 33.96 4.54 -19.19
N ILE A 1010 35.15 5.06 -19.46
CA ILE A 1010 36.07 4.49 -20.44
C ILE A 1010 37.41 4.30 -19.74
N THR A 1011 37.63 3.11 -19.18
CA THR A 1011 38.91 2.79 -18.55
C THR A 1011 39.89 2.23 -19.58
N LYS A 1012 41.13 2.04 -19.15
CA LYS A 1012 42.17 1.55 -20.04
C LYS A 1012 41.99 0.09 -20.41
N LYS A 1013 41.10 -0.64 -19.74
CA LYS A 1013 40.88 -2.05 -20.01
C LYS A 1013 39.65 -2.32 -20.85
N ALA A 1014 38.56 -1.59 -20.61
CA ALA A 1014 37.32 -1.79 -21.35
C ALA A 1014 36.47 -0.53 -21.25
N ARG A 1015 35.22 -0.62 -21.67
CA ARG A 1015 34.27 0.48 -21.62
C ARG A 1015 33.02 0.01 -20.92
N MET A 1016 32.53 0.79 -19.95
CA MET A 1016 31.38 0.42 -19.14
C MET A 1016 30.26 1.42 -19.38
N PHE A 1017 29.04 0.90 -19.54
CA PHE A 1017 27.85 1.72 -19.81
C PHE A 1017 26.71 1.12 -19.00
N GLY A 1018 26.27 1.81 -17.96
CA GLY A 1018 25.27 1.24 -17.09
C GLY A 1018 24.50 2.27 -16.31
N TYR A 1019 23.86 1.81 -15.24
CA TYR A 1019 23.08 2.66 -14.35
C TYR A 1019 23.80 2.74 -13.00
N PHE A 1020 24.23 3.94 -12.63
CA PHE A 1020 24.88 4.14 -11.34
C PHE A 1020 23.91 3.83 -10.21
N ALA A 1021 24.38 3.07 -9.22
CA ALA A 1021 23.53 2.65 -8.10
C ALA A 1021 24.00 3.16 -6.76
N SER A 1022 25.28 2.97 -6.42
CA SER A 1022 25.79 3.41 -5.13
C SER A 1022 27.26 3.78 -5.28
N CYS A 1023 27.73 4.61 -4.34
CA CYS A 1023 29.11 5.07 -4.31
C CYS A 1023 29.70 4.74 -2.95
N HIS A 1024 30.82 4.03 -2.93
CA HIS A 1024 31.45 3.61 -1.68
C HIS A 1024 32.37 4.71 -1.19
N ARG A 1025 32.03 5.31 -0.04
CA ARG A 1025 32.85 6.38 0.51
C ARG A 1025 34.18 5.88 1.07
N GLY A 1026 34.30 4.58 1.31
CA GLY A 1026 35.55 4.03 1.84
C GLY A 1026 36.61 3.78 0.80
N THR A 1027 36.23 3.70 -0.49
CA THR A 1027 37.19 3.44 -1.55
C THR A 1027 37.09 4.50 -2.65
N GLY A 1028 35.89 5.05 -2.84
CA GLY A 1028 35.66 5.99 -3.91
C GLY A 1028 35.26 5.38 -5.23
N ASN A 1029 34.82 4.12 -5.22
CA ASN A 1029 34.45 3.41 -6.44
C ASN A 1029 32.93 3.28 -6.51
N ILE A 1030 32.37 3.59 -7.67
CA ILE A 1030 30.92 3.54 -7.88
C ILE A 1030 30.53 2.20 -8.48
N ASN A 1031 29.30 1.79 -8.21
CA ASN A 1031 28.74 0.55 -8.73
C ASN A 1031 27.73 0.87 -9.82
N ILE A 1032 27.75 0.07 -10.88
CA ILE A 1032 26.86 0.26 -12.02
C ILE A 1032 26.17 -1.05 -12.34
N ARG A 1033 24.85 -0.99 -12.53
CA ARG A 1033 24.07 -2.13 -12.98
C ARG A 1033 24.02 -2.15 -14.50
N ILE A 1034 24.15 -3.35 -15.07
CA ILE A 1034 24.00 -3.52 -16.51
C ILE A 1034 22.55 -3.26 -16.88
N HIS A 1035 22.33 -2.75 -18.11
CA HIS A 1035 21.02 -2.23 -18.49
C HIS A 1035 19.92 -3.28 -18.33
N ASP A 1036 20.15 -4.50 -18.80
CA ASP A 1036 19.15 -5.56 -18.70
C ASP A 1036 19.37 -6.47 -17.49
N LEU A 1037 20.35 -6.19 -16.65
CA LEU A 1037 20.69 -7.01 -15.50
C LEU A 1037 20.95 -8.45 -15.93
N ASP A 1038 21.96 -8.60 -16.79
CA ASP A 1038 22.33 -9.91 -17.29
C ASP A 1038 23.10 -10.69 -16.24
N HIS A 1039 22.68 -11.93 -15.98
CA HIS A 1039 23.32 -12.74 -14.96
C HIS A 1039 24.69 -13.24 -15.38
N LYS A 1040 25.06 -13.12 -16.67
CA LYS A 1040 26.35 -13.56 -17.16
C LYS A 1040 27.40 -12.47 -17.14
N ILE A 1041 27.05 -11.27 -16.70
CA ILE A 1041 27.98 -10.15 -16.62
C ILE A 1041 28.07 -9.70 -15.17
N GLY A 1042 29.28 -9.74 -14.62
CA GLY A 1042 29.47 -9.33 -13.23
C GLY A 1042 28.79 -10.30 -12.27
N LYS A 1043 28.52 -9.77 -11.08
CA LYS A 1043 27.83 -10.52 -10.03
C LYS A 1043 26.36 -10.07 -10.02
N ASN A 1044 25.49 -10.92 -10.55
CA ASN A 1044 24.05 -10.64 -10.63
C ASN A 1044 23.77 -9.34 -11.38
N GLY A 1045 24.49 -9.13 -12.49
CA GLY A 1045 24.23 -8.01 -13.36
C GLY A 1045 24.85 -6.68 -12.94
N ILE A 1046 25.66 -6.66 -11.90
CA ILE A 1046 26.27 -5.43 -11.42
C ILE A 1046 27.79 -5.54 -11.57
N LEU A 1047 28.43 -4.38 -11.69
CA LEU A 1047 29.88 -4.29 -11.87
C LEU A 1047 30.44 -3.52 -10.67
N GLU A 1048 30.81 -4.26 -9.63
CA GLU A 1048 31.31 -3.64 -8.40
C GLU A 1048 32.74 -3.15 -8.58
N GLY A 1049 33.09 -2.14 -7.79
CA GLY A 1049 34.46 -1.64 -7.76
C GLY A 1049 34.95 -1.03 -9.06
N ILE A 1050 34.10 -0.25 -9.73
CA ILE A 1050 34.53 0.45 -10.93
C ILE A 1050 35.43 1.61 -10.54
N GLY A 1051 36.60 1.69 -11.18
CA GLY A 1051 37.55 2.73 -10.84
C GLY A 1051 37.28 4.03 -11.59
N VAL A 1052 36.60 4.96 -10.94
CA VAL A 1052 36.27 6.23 -11.57
C VAL A 1052 37.54 7.08 -11.72
N LYS A 1053 38.42 7.05 -10.74
CA LYS A 1053 39.63 7.85 -10.78
C LYS A 1053 40.57 7.36 -11.89
N THR A 1054 41.31 8.30 -12.46
CA THR A 1054 42.26 8.09 -13.55
C THR A 1054 41.61 7.52 -14.81
N ALA A 1055 40.28 7.52 -14.88
CA ALA A 1055 39.61 7.05 -16.09
C ALA A 1055 39.80 8.04 -17.24
N LEU A 1056 39.88 7.50 -18.45
CA LEU A 1056 40.06 8.35 -19.62
C LEU A 1056 38.85 9.27 -19.83
N SER A 1057 37.65 8.75 -19.64
CA SER A 1057 36.44 9.54 -19.83
C SER A 1057 35.35 9.02 -18.90
N PHE A 1058 34.49 9.94 -18.47
CA PHE A 1058 33.40 9.63 -17.54
C PHE A 1058 32.31 10.64 -17.75
N GLN A 1059 31.10 10.19 -18.10
CA GLN A 1059 30.01 11.13 -18.31
C GLN A 1059 28.67 10.43 -18.09
N LYS A 1060 27.68 11.21 -17.67
CA LYS A 1060 26.35 10.71 -17.36
C LYS A 1060 25.44 10.95 -18.55
N TYR A 1061 24.68 9.92 -18.93
CA TYR A 1061 23.82 9.97 -20.10
C TYR A 1061 22.36 10.13 -19.70
N GLN A 1062 21.54 10.51 -20.67
CA GLN A 1062 20.10 10.69 -20.50
C GLN A 1062 19.37 9.70 -21.40
N ILE A 1063 18.31 9.09 -20.88
CA ILE A 1063 17.52 8.11 -21.61
C ILE A 1063 16.05 8.50 -21.52
N ASP A 1064 15.28 8.09 -22.53
CA ASP A 1064 13.85 8.36 -22.57
C ASP A 1064 13.11 7.26 -21.83
N GLU A 1065 11.78 7.26 -21.92
CA GLU A 1065 10.97 6.23 -21.29
C GLU A 1065 10.78 5.00 -22.17
N LEU A 1066 11.06 5.11 -23.47
CA LEU A 1066 10.96 3.97 -24.39
C LEU A 1066 12.31 3.31 -24.65
N GLY A 1067 13.37 3.75 -23.98
CA GLY A 1067 14.69 3.22 -24.20
C GLY A 1067 15.46 3.85 -25.34
N LYS A 1068 14.89 4.85 -26.01
CA LYS A 1068 15.54 5.55 -27.10
C LYS A 1068 16.10 6.88 -26.62
N GLU A 1069 16.70 7.62 -27.55
CA GLU A 1069 17.22 8.97 -27.28
C GLU A 1069 18.25 8.95 -26.16
N ILE A 1070 19.33 8.22 -26.38
CA ILE A 1070 20.44 8.12 -25.44
C ILE A 1070 21.48 9.15 -25.85
N ARG A 1071 21.50 10.28 -25.14
CA ARG A 1071 22.40 11.39 -25.45
C ARG A 1071 23.11 11.85 -24.19
N PRO A 1072 24.30 12.42 -24.32
CA PRO A 1072 25.00 12.94 -23.14
C PRO A 1072 24.46 14.29 -22.72
N CYS A 1073 24.51 14.53 -21.41
CA CYS A 1073 24.05 15.78 -20.82
C CYS A 1073 25.19 16.44 -20.06
N ARG A 1074 25.39 17.73 -20.31
CA ARG A 1074 26.45 18.52 -19.67
C ARG A 1074 25.79 19.55 -18.76
N LEU A 1075 25.75 19.25 -17.46
CA LEU A 1075 25.15 20.17 -16.51
C LEU A 1075 25.99 21.44 -16.38
N LYS A 1076 25.31 22.58 -16.23
CA LYS A 1076 25.99 23.87 -16.33
C LYS A 1076 26.66 24.26 -15.01
N LYS A 1077 25.88 24.45 -13.96
CA LYS A 1077 26.40 24.96 -12.70
C LYS A 1077 25.84 24.17 -11.54
N ARG A 1078 26.57 24.18 -10.44
CA ARG A 1078 26.21 23.39 -9.26
C ARG A 1078 24.87 23.86 -8.71
N PRO A 1079 23.89 22.97 -8.55
CA PRO A 1079 22.58 23.36 -8.02
C PRO A 1079 22.60 23.39 -6.51
N PRO A 1080 21.92 24.35 -5.90
CA PRO A 1080 21.89 24.43 -4.44
C PRO A 1080 21.11 23.27 -3.84
N VAL A 1081 21.45 22.96 -2.58
CA VAL A 1081 20.79 21.85 -1.90
C VAL A 1081 19.33 22.18 -1.58
N ARG A 1082 19.02 23.45 -1.31
CA ARG A 1082 17.65 23.86 -1.02
C ARG A 1082 17.21 24.95 -1.98
N MET B 1 -16.34 42.18 10.26
CA MET B 1 -15.11 41.40 10.14
C MET B 1 -14.81 40.66 11.44
N LYS B 2 -15.46 41.09 12.52
CA LYS B 2 -15.27 40.44 13.82
C LYS B 2 -15.80 39.01 13.77
N ILE B 3 -15.12 38.12 14.47
CA ILE B 3 -15.47 36.71 14.52
C ILE B 3 -16.01 36.40 15.91
N THR B 4 -17.23 35.86 15.95
CA THR B 4 -17.91 35.54 17.20
C THR B 4 -18.42 34.11 17.11
N SER B 5 -18.54 33.45 18.26
CA SER B 5 -18.93 32.05 18.31
C SER B 5 -20.35 31.80 17.82
N SER B 6 -21.15 32.84 17.62
CA SER B 6 -22.51 32.69 17.12
C SER B 6 -22.60 32.78 15.61
N ASN B 7 -21.94 33.78 15.01
CA ASN B 7 -21.92 33.98 13.56
C ASN B 7 -20.68 33.35 12.92
N PHE B 8 -20.14 32.30 13.53
CA PHE B 8 -18.81 31.80 13.15
C PHE B 8 -18.87 31.06 11.82
N ALA B 9 -19.78 30.10 11.69
CA ALA B 9 -19.82 29.25 10.50
C ALA B 9 -20.18 30.03 9.23
N THR B 10 -20.76 31.22 9.36
CA THR B 10 -21.04 32.04 8.19
C THR B 10 -19.77 32.60 7.56
N ILE B 11 -18.66 32.59 8.29
CA ILE B 11 -17.39 33.10 7.79
C ILE B 11 -16.45 31.97 7.41
N ALA B 12 -16.37 30.92 8.23
CA ALA B 12 -15.51 29.79 7.94
C ALA B 12 -16.11 28.91 6.85
N THR B 13 -16.17 29.44 5.63
CA THR B 13 -16.77 28.77 4.50
C THR B 13 -15.70 28.19 3.58
N SER B 14 -16.13 27.28 2.71
CA SER B 14 -15.20 26.71 1.73
C SER B 14 -14.66 27.79 0.79
N GLU B 15 -15.49 28.75 0.42
CA GLU B 15 -15.01 29.85 -0.40
C GLU B 15 -13.94 30.66 0.30
N ASN B 16 -14.15 30.97 1.59
CA ASN B 16 -13.16 31.71 2.35
C ASN B 16 -11.86 30.91 2.48
N PHE B 17 -11.97 29.60 2.72
CA PHE B 17 -10.78 28.77 2.86
C PHE B 17 -10.03 28.63 1.54
N ALA B 18 -10.74 28.61 0.42
CA ALA B 18 -10.12 28.46 -0.89
C ALA B 18 -9.64 29.79 -1.47
N LYS B 19 -10.04 30.93 -0.89
CA LYS B 19 -9.51 32.21 -1.34
C LYS B 19 -8.04 32.38 -1.04
N LEU B 20 -7.44 31.51 -0.23
CA LEU B 20 -6.07 31.66 0.23
C LEU B 20 -5.04 31.10 -0.75
N SER B 21 -5.47 30.52 -1.87
CA SER B 21 -4.55 29.83 -2.78
C SER B 21 -3.65 30.79 -3.55
N VAL B 22 -3.90 32.09 -3.51
CA VAL B 22 -3.08 33.04 -4.26
C VAL B 22 -1.82 33.45 -3.50
N LEU B 23 -1.81 33.31 -2.18
CA LEU B 23 -0.70 33.81 -1.38
C LEU B 23 0.57 32.99 -1.63
N PRO B 24 1.75 33.60 -1.46
CA PRO B 24 2.99 32.84 -1.59
C PRO B 24 3.10 31.79 -0.50
N LYS B 25 3.88 30.74 -0.80
CA LYS B 25 3.90 29.54 0.04
C LYS B 25 4.30 29.87 1.47
N ASN B 26 5.31 30.72 1.65
CA ASN B 26 5.76 31.07 3.00
C ASN B 26 4.65 31.69 3.82
N HIS B 27 3.75 32.45 3.18
CA HIS B 27 2.57 32.94 3.86
C HIS B 27 1.37 32.01 3.70
N ARG B 28 1.27 31.31 2.56
CA ARG B 28 0.10 30.48 2.30
C ARG B 28 -0.01 29.33 3.30
N GLU B 29 1.10 28.69 3.62
CA GLU B 29 1.05 27.52 4.51
C GLU B 29 0.55 27.85 5.92
N PRO B 30 1.06 28.88 6.61
CA PRO B 30 0.61 29.10 8.00
C PRO B 30 -0.86 29.46 8.14
N ILE B 31 -1.38 30.38 7.33
CA ILE B 31 -2.77 30.77 7.46
C ILE B 31 -3.69 29.61 7.08
N LYS B 32 -3.33 28.85 6.05
CA LYS B 32 -4.12 27.68 5.70
C LYS B 32 -4.13 26.65 6.83
N GLY B 33 -2.98 26.43 7.45
CA GLY B 33 -2.94 25.52 8.60
C GLY B 33 -3.79 26.01 9.75
N LEU B 34 -3.74 27.31 10.04
CA LEU B 34 -4.55 27.87 11.12
C LEU B 34 -6.03 27.71 10.81
N PHE B 35 -6.44 28.00 9.57
CA PHE B 35 -7.84 27.86 9.18
C PHE B 35 -8.29 26.41 9.31
N LYS B 36 -7.47 25.47 8.83
CA LYS B 36 -7.83 24.06 8.92
C LYS B 36 -7.96 23.60 10.37
N SER B 37 -7.01 24.01 11.21
CA SER B 37 -7.06 23.60 12.62
C SER B 37 -8.28 24.18 13.32
N ALA B 38 -8.59 25.45 13.06
CA ALA B 38 -9.76 26.06 13.68
C ALA B 38 -11.05 25.39 13.21
N VAL B 39 -11.15 25.10 11.91
CA VAL B 39 -12.34 24.44 11.39
C VAL B 39 -12.51 23.06 12.01
N GLU B 40 -11.43 22.29 12.07
CA GLU B 40 -11.52 20.95 12.65
C GLU B 40 -11.88 21.01 14.13
N GLN B 41 -11.29 21.97 14.87
CA GLN B 41 -11.61 22.09 16.29
C GLN B 41 -13.07 22.46 16.50
N PHE B 42 -13.60 23.38 15.70
CA PHE B 42 -15.01 23.73 15.81
C PHE B 42 -15.89 22.53 15.47
N SER B 43 -15.51 21.78 14.43
CA SER B 43 -16.32 20.63 14.02
C SER B 43 -16.31 19.54 15.07
N SER B 44 -15.24 19.40 15.84
CA SER B 44 -15.09 18.34 16.82
C SER B 44 -15.14 18.86 18.26
N ALA B 45 -15.69 20.06 18.45
CA ALA B 45 -15.79 20.65 19.78
C ALA B 45 -17.02 20.20 20.57
N ARG B 46 -17.68 19.10 20.17
CA ARG B 46 -18.80 18.59 20.96
C ARG B 46 -18.81 17.07 21.13
N ASP B 47 -17.75 16.36 20.74
CA ASP B 47 -17.69 14.94 21.03
C ASP B 47 -17.51 14.65 22.52
N PHE B 48 -17.20 15.67 23.32
CA PHE B 48 -17.08 15.45 24.76
C PHE B 48 -18.40 15.03 25.39
N PHE B 49 -19.53 15.40 24.78
CA PHE B 49 -20.82 14.91 25.25
C PHE B 49 -21.11 13.49 24.83
N LYS B 50 -20.54 13.04 23.70
CA LYS B 50 -20.74 11.68 23.22
C LYS B 50 -19.99 10.65 24.05
N ASN B 51 -18.92 11.05 24.74
CA ASN B 51 -18.14 10.16 25.57
C ASN B 51 -18.67 10.23 26.99
N GLU B 52 -18.89 9.07 27.60
CA GLU B 52 -19.51 8.99 28.92
C GLU B 52 -18.51 9.12 30.06
N ASN B 53 -17.22 9.31 29.74
CA ASN B 53 -16.22 9.54 30.78
C ASN B 53 -16.10 11.02 31.14
N TYR B 54 -16.41 11.91 30.19
CA TYR B 54 -16.41 13.34 30.45
C TYR B 54 -17.77 13.75 31.03
N SER B 55 -17.99 13.35 32.27
CA SER B 55 -19.28 13.52 32.93
C SER B 55 -19.36 14.86 33.66
N LYS B 56 -20.55 15.46 33.63
CA LYS B 56 -20.92 16.63 34.44
C LYS B 56 -20.29 17.89 33.84
N GLU B 57 -19.63 18.71 34.65
CA GLU B 57 -19.21 20.03 34.19
C GLU B 57 -18.02 19.99 33.24
N LEU B 58 -17.24 18.91 33.26
CA LEU B 58 -16.08 18.82 32.38
C LEU B 58 -16.50 18.91 30.92
N ALA B 59 -17.68 18.39 30.59
CA ALA B 59 -18.11 18.35 29.19
C ALA B 59 -18.24 19.75 28.62
N GLU B 60 -19.04 20.60 29.26
CA GLU B 60 -19.21 21.93 28.69
C GLU B 60 -18.04 22.84 29.01
N LYS B 61 -17.24 22.52 30.03
CA LYS B 61 -15.97 23.23 30.20
C LYS B 61 -15.07 23.01 28.99
N PHE B 62 -14.91 21.76 28.57
CA PHE B 62 -14.14 21.46 27.37
C PHE B 62 -14.76 22.09 26.14
N ASN B 63 -16.10 22.06 26.05
CA ASN B 63 -16.78 22.65 24.91
C ASN B 63 -16.49 24.15 24.81
N LYS B 64 -16.61 24.86 25.94
CA LYS B 64 -16.35 26.30 25.94
C LYS B 64 -14.91 26.61 25.60
N GLU B 65 -13.97 25.85 26.19
CA GLU B 65 -12.57 26.08 25.91
C GLU B 65 -12.25 25.84 24.43
N ALA B 66 -12.80 24.77 23.86
CA ALA B 66 -12.56 24.46 22.45
C ALA B 66 -13.15 25.52 21.54
N VAL B 67 -14.36 25.99 21.84
CA VAL B 67 -14.97 27.03 21.00
C VAL B 67 -14.15 28.31 21.06
N ASN B 68 -13.71 28.70 22.26
CA ASN B 68 -12.89 29.90 22.38
C ASN B 68 -11.57 29.73 21.63
N GLU B 69 -10.95 28.56 21.73
CA GLU B 69 -9.69 28.32 21.03
C GLU B 69 -9.89 28.40 19.52
N ALA B 70 -10.96 27.80 19.01
CA ALA B 70 -11.21 27.84 17.57
C ALA B 70 -11.47 29.26 17.08
N VAL B 71 -12.27 30.02 17.81
CA VAL B 71 -12.59 31.38 17.37
C VAL B 71 -11.34 32.27 17.45
N GLU B 72 -10.51 32.08 18.47
CA GLU B 72 -9.25 32.82 18.54
C GLU B 72 -8.32 32.44 17.41
N LYS B 73 -8.25 31.14 17.08
CA LYS B 73 -7.38 30.70 15.99
C LYS B 73 -7.80 31.31 14.67
N LEU B 74 -9.11 31.32 14.36
CA LEU B 74 -9.51 31.90 13.09
C LEU B 74 -9.45 33.42 13.13
N GLN B 75 -9.58 34.04 14.31
CA GLN B 75 -9.30 35.47 14.40
C GLN B 75 -7.85 35.78 14.03
N LYS B 76 -6.92 34.97 14.55
CA LYS B 76 -5.51 35.15 14.18
C LYS B 76 -5.31 34.92 12.69
N ALA B 77 -5.93 33.86 12.14
CA ALA B 77 -5.76 33.56 10.72
C ALA B 77 -6.30 34.69 9.85
N ILE B 78 -7.48 35.22 10.18
CA ILE B 78 -8.05 36.28 9.37
C ILE B 78 -7.28 37.58 9.55
N ASP B 79 -6.69 37.81 10.73
CA ASP B 79 -5.84 38.98 10.89
C ASP B 79 -4.59 38.89 10.02
N LEU B 80 -3.97 37.70 9.98
CA LEU B 80 -2.81 37.52 9.12
C LEU B 80 -3.19 37.68 7.64
N ALA B 81 -4.34 37.12 7.25
CA ALA B 81 -4.80 37.27 5.87
C ALA B 81 -5.08 38.73 5.54
N GLU B 82 -5.67 39.48 6.48
CA GLU B 82 -5.92 40.90 6.28
C GLU B 82 -4.60 41.65 6.11
N LYS B 83 -3.59 41.30 6.90
CA LYS B 83 -2.27 41.92 6.75
C LYS B 83 -1.68 41.60 5.38
N GLN B 84 -1.86 40.36 4.91
CA GLN B 84 -1.41 40.01 3.57
C GLN B 84 -2.20 40.73 2.48
N GLY B 85 -3.40 41.21 2.79
CA GLY B 85 -4.13 42.05 1.84
C GLY B 85 -5.09 41.33 0.93
N ILE B 86 -6.04 40.59 1.49
CA ILE B 86 -7.09 39.97 0.69
C ILE B 86 -8.45 40.32 1.28
N GLN B 87 -9.51 40.14 0.48
CA GLN B 87 -10.87 40.35 0.95
C GLN B 87 -11.70 39.10 0.72
#